data_6OWU
#
_entry.id   6OWU
#
_cell.length_a   63.093
_cell.length_b   63.039
_cell.length_c   78.636
_cell.angle_alpha   94.86
_cell.angle_beta   103.13
_cell.angle_gamma   117.44
#
_symmetry.space_group_name_H-M   'P 1'
#
loop_
_entity.id
_entity.type
_entity.pdbx_description
1 polymer 'PRP8 protein'
2 non-polymer 'ZINC ION'
3 water water
#
_entity_poly.entity_id   1
_entity_poly.type   'polypeptide(L)'
_entity_poly.pdbx_seq_one_letter_code
;MGKACLQNGTRLLRADGSEVLVEDVQEGDQLLGPDGTSRTASKIVRGEERLYRIKTHEGLEDLVCTHNHILSMYKERFGR
EGAHSPSAGTSLTESHERVDVTVDDFVRLPQQEQQKYKLFRSTDFVRREQPSASKLATLLHINSIELEEEPTKWSGFVVD
KDSLYLRYDYLVLHNSLEHHHHHH
;
_entity_poly.pdbx_strand_id   A,B,C,D,E,F
#
# COMPACT_ATOMS: atom_id res chain seq x y z
N CYS A 5 18.21 17.43 -5.51
CA CYS A 5 19.36 16.66 -5.05
C CYS A 5 19.02 15.16 -5.14
N LEU A 6 20.04 14.31 -5.10
CA LEU A 6 19.87 12.89 -5.37
C LEU A 6 20.32 12.05 -4.18
N GLN A 7 19.70 10.89 -4.02
CA GLN A 7 20.12 9.97 -2.98
C GLN A 7 21.57 9.57 -3.19
N ASN A 8 22.31 9.51 -2.10
CA ASN A 8 23.67 8.98 -2.16
C ASN A 8 23.67 7.58 -2.74
N GLY A 9 24.66 7.30 -3.58
CA GLY A 9 24.73 6.06 -4.31
C GLY A 9 24.24 6.14 -5.75
N THR A 10 23.67 7.27 -6.15
CA THR A 10 23.29 7.44 -7.55
C THR A 10 24.53 7.49 -8.42
N ARG A 11 24.53 6.69 -9.49
CA ARG A 11 25.70 6.53 -10.35
C ARG A 11 25.60 7.51 -11.52
N LEU A 12 26.57 8.43 -11.62
CA LEU A 12 26.65 9.41 -12.68
C LEU A 12 27.88 9.13 -13.56
N LEU A 13 27.97 9.84 -14.67
CA LEU A 13 29.07 9.72 -15.61
C LEU A 13 29.96 10.94 -15.51
N ARG A 14 31.25 10.72 -15.30
CA ARG A 14 32.21 11.80 -15.50
C ARG A 14 32.29 12.14 -16.98
N ALA A 15 32.92 13.29 -17.28
CA ALA A 15 33.01 13.73 -18.67
C ALA A 15 33.76 12.73 -19.55
N ASP A 16 34.62 11.90 -18.98
CA ASP A 16 35.37 10.92 -19.75
C ASP A 16 34.64 9.58 -19.87
N GLY A 17 33.42 9.46 -19.35
CA GLY A 17 32.62 8.26 -19.48
C GLY A 17 32.70 7.29 -18.32
N SER A 18 33.65 7.48 -17.41
CA SER A 18 33.73 6.65 -16.21
C SER A 18 32.66 7.09 -15.20
N GLU A 19 32.33 6.17 -14.29
CA GLU A 19 31.27 6.39 -13.32
C GLU A 19 31.79 7.04 -12.05
N VAL A 20 30.93 7.85 -11.43
CA VAL A 20 31.21 8.51 -10.15
C VAL A 20 29.92 8.51 -9.34
N LEU A 21 30.03 8.17 -8.06
CA LEU A 21 28.86 8.29 -7.20
C LEU A 21 28.58 9.75 -6.92
N VAL A 22 27.29 10.09 -6.80
CA VAL A 22 26.91 11.50 -6.67
C VAL A 22 27.57 12.13 -5.46
N GLU A 23 27.77 11.36 -4.38
CA GLU A 23 28.40 11.90 -3.19
C GLU A 23 29.91 12.05 -3.34
N ASP A 24 30.50 11.49 -4.38
CA ASP A 24 31.93 11.64 -4.64
C ASP A 24 32.23 12.79 -5.58
N VAL A 25 31.21 13.48 -6.08
CA VAL A 25 31.43 14.63 -6.95
C VAL A 25 31.98 15.78 -6.12
N GLN A 26 33.10 16.33 -6.55
CA GLN A 26 33.76 17.42 -5.84
C GLN A 26 33.66 18.71 -6.64
N GLU A 27 33.95 19.82 -5.96
CA GLU A 27 33.90 21.13 -6.58
C GLU A 27 34.79 21.18 -7.83
N GLY A 28 34.23 21.69 -8.92
CA GLY A 28 34.94 21.76 -10.19
C GLY A 28 34.90 20.51 -11.04
N ASP A 29 34.37 19.39 -10.52
CA ASP A 29 34.37 18.15 -11.27
C ASP A 29 33.65 18.27 -12.61
N GLN A 30 34.13 17.51 -13.59
CA GLN A 30 33.58 17.51 -14.94
C GLN A 30 32.70 16.28 -15.14
N LEU A 31 31.42 16.51 -15.41
CA LEU A 31 30.44 15.47 -15.70
C LEU A 31 30.06 15.50 -17.16
N LEU A 32 29.28 14.51 -17.59
CA LEU A 32 28.89 14.34 -18.98
C LEU A 32 27.50 14.91 -19.24
N GLY A 33 27.40 15.83 -20.20
CA GLY A 33 26.13 16.38 -20.61
C GLY A 33 25.43 15.49 -21.63
N PRO A 34 24.13 15.71 -21.83
CA PRO A 34 23.39 14.84 -22.77
C PRO A 34 23.87 14.94 -24.21
N ASP A 35 24.50 16.05 -24.61
CA ASP A 35 25.06 16.18 -25.95
C ASP A 35 26.48 15.68 -26.05
N GLY A 36 27.04 15.13 -24.97
CA GLY A 36 28.40 14.66 -25.00
C GLY A 36 29.44 15.70 -24.62
N THR A 37 29.05 16.95 -24.38
CA THR A 37 29.99 17.96 -23.95
C THR A 37 30.09 17.98 -22.42
N SER A 38 31.07 18.72 -21.93
CA SER A 38 31.38 18.70 -20.51
C SER A 38 30.39 19.57 -19.72
N ARG A 39 30.31 19.28 -18.43
CA ARG A 39 29.55 20.10 -17.48
C ARG A 39 30.40 20.25 -16.24
N THR A 40 30.36 21.41 -15.59
CA THR A 40 31.11 21.61 -14.36
C THR A 40 30.16 21.63 -13.18
N ALA A 41 30.49 20.87 -12.16
CA ALA A 41 29.70 20.81 -10.94
C ALA A 41 30.29 21.77 -9.92
N SER A 42 29.43 22.39 -9.13
CA SER A 42 29.88 23.31 -8.09
C SER A 42 28.84 23.35 -6.99
N LYS A 43 29.22 23.98 -5.88
CA LYS A 43 28.36 24.14 -4.69
C LYS A 43 27.81 22.81 -4.20
N ILE A 44 28.72 21.96 -3.74
CA ILE A 44 28.36 20.64 -3.21
C ILE A 44 27.64 20.80 -1.89
N VAL A 45 26.44 20.23 -1.79
CA VAL A 45 25.66 20.29 -0.56
C VAL A 45 25.19 18.89 -0.21
N ARG A 46 25.04 18.63 1.10
CA ARG A 46 24.65 17.31 1.56
C ARG A 46 23.59 17.45 2.63
N GLY A 47 22.69 16.46 2.68
CA GLY A 47 21.70 16.45 3.73
C GLY A 47 21.12 15.06 3.93
N GLU A 48 20.07 14.99 4.73
CA GLU A 48 19.43 13.71 5.00
C GLU A 48 17.95 13.94 5.26
N GLU A 49 17.09 13.31 4.45
CA GLU A 49 15.65 13.48 4.65
C GLU A 49 14.90 12.39 3.91
N ARG A 50 13.60 12.34 4.13
CA ARG A 50 12.75 11.38 3.42
C ARG A 50 12.67 11.79 1.96
N LEU A 51 13.12 10.92 1.07
CA LEU A 51 13.18 11.20 -0.35
C LEU A 51 12.00 10.56 -1.07
N TYR A 52 11.84 10.96 -2.33
CA TYR A 52 10.84 10.39 -3.20
C TYR A 52 11.50 9.37 -4.12
N ARG A 53 10.90 8.19 -4.21
CA ARG A 53 11.35 7.11 -5.09
C ARG A 53 10.45 7.09 -6.33
N ILE A 54 11.06 7.17 -7.50
CA ILE A 54 10.39 7.15 -8.79
C ILE A 54 10.75 5.86 -9.47
N LYS A 55 9.73 5.05 -9.79
CA LYS A 55 9.92 3.80 -10.50
C LYS A 55 9.24 3.90 -11.86
N THR A 56 9.94 3.41 -12.89
CA THR A 56 9.45 3.40 -14.25
C THR A 56 8.90 2.03 -14.64
N HIS A 57 8.00 2.00 -15.62
CA HIS A 57 7.59 0.73 -16.21
C HIS A 57 8.81 -0.02 -16.73
N GLU A 58 9.69 0.68 -17.45
CA GLU A 58 10.88 0.06 -18.04
C GLU A 58 11.84 -0.39 -16.96
N GLY A 59 12.60 -1.45 -17.28
CA GLY A 59 13.53 -2.03 -16.31
C GLY A 59 14.83 -1.29 -16.12
N LEU A 60 14.75 -0.04 -15.66
CA LEU A 60 15.91 0.76 -15.31
C LEU A 60 15.86 1.10 -13.82
N GLU A 61 17.01 1.51 -13.28
CA GLU A 61 17.11 1.77 -11.85
C GLU A 61 16.15 2.87 -11.42
N ASP A 62 15.54 2.69 -10.24
CA ASP A 62 14.71 3.74 -9.65
C ASP A 62 15.52 5.02 -9.49
N LEU A 63 14.84 6.16 -9.59
CA LEU A 63 15.45 7.45 -9.30
C LEU A 63 14.95 7.95 -7.95
N VAL A 64 15.87 8.28 -7.05
CA VAL A 64 15.52 8.66 -5.69
C VAL A 64 16.07 10.05 -5.41
N CYS A 65 15.19 11.02 -5.18
CA CYS A 65 15.62 12.42 -5.10
C CYS A 65 14.77 13.16 -4.07
N THR A 66 15.26 14.34 -3.68
CA THR A 66 14.51 15.21 -2.78
C THR A 66 13.23 15.76 -3.41
N HIS A 67 12.36 16.26 -2.54
CA HIS A 67 11.07 16.80 -2.96
C HIS A 67 11.21 18.03 -3.86
N ASN A 68 12.31 18.78 -3.70
CA ASN A 68 12.50 19.98 -4.49
C ASN A 68 13.34 19.74 -5.73
N HIS A 69 13.69 18.48 -6.02
CA HIS A 69 14.53 18.21 -7.18
C HIS A 69 13.76 18.45 -8.47
N ILE A 70 14.45 18.99 -9.47
CA ILE A 70 13.85 19.30 -10.75
C ILE A 70 14.01 18.09 -11.67
N LEU A 71 12.89 17.56 -12.15
CA LEU A 71 12.89 16.53 -13.19
C LEU A 71 12.83 17.20 -14.56
N SER A 72 13.70 16.77 -15.48
CA SER A 72 13.62 17.19 -16.86
C SER A 72 12.88 16.12 -17.64
N MET A 73 11.80 16.52 -18.32
CA MET A 73 10.84 15.58 -18.85
C MET A 73 10.42 16.05 -20.24
N TYR A 74 9.78 15.14 -20.96
CA TYR A 74 9.02 15.44 -22.16
C TYR A 74 7.55 15.27 -21.85
N LYS A 75 6.73 16.25 -22.22
CA LYS A 75 5.30 16.22 -21.99
C LYS A 75 4.59 16.10 -23.33
N GLU A 76 3.60 15.21 -23.38
CA GLU A 76 2.89 14.93 -24.63
C GLU A 76 2.16 16.16 -25.14
N ARG A 77 2.21 16.34 -26.46
CA ARG A 77 1.55 17.45 -27.18
C ARG A 77 1.73 18.81 -26.51
N GLU A 94 7.52 17.98 -31.63
CA GLU A 94 6.86 17.04 -32.53
C GLU A 94 5.55 16.54 -31.89
N SER A 95 5.67 15.49 -31.08
CA SER A 95 4.60 15.03 -30.22
C SER A 95 4.80 15.42 -28.76
N HIS A 96 6.01 15.81 -28.38
CA HIS A 96 6.33 16.14 -27.00
C HIS A 96 7.10 17.44 -26.94
N GLU A 97 7.03 18.09 -25.78
CA GLU A 97 7.79 19.30 -25.50
C GLU A 97 8.61 19.13 -24.23
N ARG A 98 9.75 19.80 -24.18
CA ARG A 98 10.62 19.74 -23.01
C ARG A 98 10.04 20.58 -21.88
N VAL A 99 9.96 20.00 -20.68
CA VAL A 99 9.45 20.70 -19.50
C VAL A 99 10.28 20.31 -18.29
N ASP A 100 10.55 21.28 -17.42
CA ASP A 100 11.21 21.04 -16.15
C ASP A 100 10.18 21.23 -15.04
N VAL A 101 10.13 20.29 -14.10
CA VAL A 101 9.11 20.36 -13.06
C VAL A 101 9.70 19.78 -11.78
N THR A 102 9.48 20.46 -10.66
CA THR A 102 9.97 19.90 -9.41
C THR A 102 9.15 18.67 -9.03
N VAL A 103 9.77 17.82 -8.20
CA VAL A 103 9.07 16.64 -7.69
C VAL A 103 7.80 17.04 -6.97
N ASP A 104 7.86 18.11 -6.16
CA ASP A 104 6.66 18.54 -5.45
C ASP A 104 5.51 18.83 -6.42
N ASP A 105 5.77 19.68 -7.41
CA ASP A 105 4.73 20.03 -8.38
C ASP A 105 4.22 18.82 -9.14
N PHE A 106 5.14 17.92 -9.53
CA PHE A 106 4.71 16.75 -10.29
C PHE A 106 3.88 15.80 -9.44
N VAL A 107 4.30 15.59 -8.18
CA VAL A 107 3.60 14.68 -7.28
C VAL A 107 2.17 15.15 -7.07
N ARG A 108 1.95 16.47 -7.02
CA ARG A 108 0.60 16.97 -6.77
C ARG A 108 -0.31 16.98 -7.98
N LEU A 109 0.20 16.73 -9.18
CA LEU A 109 -0.65 16.73 -10.36
C LEU A 109 -1.58 15.51 -10.35
N PRO A 110 -2.78 15.64 -10.91
CA PRO A 110 -3.62 14.45 -11.09
C PRO A 110 -2.92 13.46 -12.00
N GLN A 111 -3.15 12.16 -11.74
CA GLN A 111 -2.46 11.11 -12.48
C GLN A 111 -2.70 11.21 -13.97
N GLN A 112 -3.90 11.69 -14.36
CA GLN A 112 -4.20 11.88 -15.77
C GLN A 112 -3.31 12.94 -16.41
N GLU A 113 -2.87 13.94 -15.65
CA GLU A 113 -1.88 14.87 -16.17
C GLU A 113 -0.51 14.23 -16.11
N GLN A 114 -0.27 13.42 -15.08
CA GLN A 114 1.01 12.74 -14.92
C GLN A 114 1.35 11.87 -16.13
N GLN A 115 0.33 11.34 -16.88
CA GLN A 115 0.61 10.48 -18.07
C GLN A 115 1.72 11.09 -18.88
N LYS A 116 1.48 12.36 -19.16
CA LYS A 116 1.99 13.04 -20.32
C LYS A 116 3.46 13.32 -20.18
N TYR A 117 3.96 13.24 -18.96
CA TYR A 117 5.34 13.56 -18.67
C TYR A 117 6.11 12.25 -18.62
N LYS A 118 7.23 12.24 -19.32
CA LYS A 118 8.07 11.05 -19.42
C LYS A 118 9.48 11.49 -19.10
N LEU A 119 10.20 10.66 -18.36
CA LEU A 119 11.63 10.88 -18.26
C LEU A 119 12.29 10.50 -19.59
N PHE A 120 13.57 10.85 -19.77
CA PHE A 120 14.17 10.49 -21.04
C PHE A 120 15.67 10.23 -20.89
N ARG A 121 16.18 9.41 -21.80
CA ARG A 121 17.60 9.13 -21.95
C ARG A 121 18.14 9.85 -23.18
N SER A 122 19.44 10.11 -23.17
CA SER A 122 20.06 10.82 -24.29
C SER A 122 20.12 9.90 -25.50
N THR A 123 19.63 10.39 -26.64
CA THR A 123 19.47 9.54 -27.82
C THR A 123 20.83 9.09 -28.34
N ASP A 124 21.15 7.81 -28.10
CA ASP A 124 22.41 7.14 -28.47
C ASP A 124 23.59 8.06 -28.76
N ALA A 137 12.60 2.79 -27.41
CA ALA A 137 12.51 4.24 -27.37
C ALA A 137 13.36 4.81 -26.25
N THR A 138 13.60 6.12 -26.29
CA THR A 138 14.37 6.80 -25.25
C THR A 138 13.49 7.46 -24.20
N LEU A 139 12.17 7.39 -24.34
CA LEU A 139 11.26 7.92 -23.34
C LEU A 139 10.94 6.84 -22.31
N LEU A 140 10.87 7.26 -21.04
CA LEU A 140 10.62 6.37 -19.92
C LEU A 140 9.32 6.77 -19.25
N HIS A 141 8.52 5.78 -18.91
CA HIS A 141 7.16 5.97 -18.41
C HIS A 141 7.16 5.71 -16.91
N ILE A 142 6.76 6.72 -16.14
CA ILE A 142 6.78 6.59 -14.69
C ILE A 142 5.62 5.71 -14.25
N ASN A 143 5.93 4.66 -13.50
CA ASN A 143 4.88 3.81 -12.94
C ASN A 143 4.43 4.30 -11.58
N SER A 144 5.36 4.78 -10.75
CA SER A 144 4.96 5.22 -9.42
C SER A 144 5.95 6.26 -8.92
N ILE A 145 5.46 7.16 -8.08
CA ILE A 145 6.33 8.08 -7.36
C ILE A 145 5.81 8.17 -5.94
N GLU A 146 6.66 7.85 -4.97
CA GLU A 146 6.19 7.75 -3.58
C GLU A 146 7.20 8.32 -2.62
N LEU A 147 6.71 8.99 -1.59
CA LEU A 147 7.56 9.44 -0.49
C LEU A 147 7.98 8.25 0.36
N GLU A 148 9.28 8.16 0.65
CA GLU A 148 9.82 7.04 1.41
C GLU A 148 9.59 7.24 2.91
N GLU A 149 9.53 6.11 3.62
CA GLU A 149 9.12 6.10 5.03
C GLU A 149 10.22 6.54 5.99
N GLU A 150 11.48 6.53 5.55
CA GLU A 150 12.59 6.86 6.41
C GLU A 150 13.56 7.77 5.66
N PRO A 151 14.24 8.66 6.39
CA PRO A 151 15.19 9.55 5.71
C PRO A 151 16.43 8.80 5.27
N THR A 152 17.01 9.26 4.16
CA THR A 152 18.30 8.80 3.69
C THR A 152 19.13 10.02 3.29
N LYS A 153 20.44 9.79 3.14
CA LYS A 153 21.39 10.84 2.81
C LYS A 153 21.37 11.16 1.33
N TRP A 154 21.52 12.45 1.02
CA TRP A 154 21.50 12.93 -0.35
C TRP A 154 22.63 13.93 -0.54
N SER A 155 23.00 14.10 -1.81
CA SER A 155 24.03 15.04 -2.24
C SER A 155 23.53 15.79 -3.46
N GLY A 156 23.79 17.09 -3.49
CA GLY A 156 23.36 17.93 -4.59
C GLY A 156 24.45 18.89 -4.97
N PHE A 157 24.30 19.48 -6.15
CA PHE A 157 25.22 20.50 -6.65
C PHE A 157 24.53 21.22 -7.81
N VAL A 158 25.18 22.27 -8.28
CA VAL A 158 24.73 22.97 -9.47
C VAL A 158 25.65 22.56 -10.62
N VAL A 159 25.10 22.63 -11.82
CA VAL A 159 25.79 22.30 -13.06
C VAL A 159 25.60 23.48 -14.01
N ASP A 160 26.64 23.78 -14.79
CA ASP A 160 26.57 24.93 -15.68
C ASP A 160 25.88 24.53 -17.00
N LYS A 161 25.97 25.42 -17.99
CA LYS A 161 25.40 25.21 -19.33
C LYS A 161 23.90 25.02 -19.17
N ASP A 162 23.31 23.94 -19.69
CA ASP A 162 21.87 23.73 -19.64
C ASP A 162 21.41 23.06 -18.35
N SER A 163 22.30 22.90 -17.37
CA SER A 163 22.03 22.29 -16.07
C SER A 163 21.68 20.81 -16.18
N LEU A 164 21.99 20.18 -17.31
CA LEU A 164 21.69 18.77 -17.53
C LEU A 164 22.97 17.93 -17.48
N TYR A 165 22.84 16.71 -16.95
CA TYR A 165 23.95 15.77 -16.89
C TYR A 165 23.38 14.36 -16.96
N LEU A 166 24.25 13.36 -17.05
CA LEU A 166 23.83 12.00 -17.38
C LEU A 166 24.01 11.08 -16.20
N ARG A 167 22.98 10.28 -15.93
CA ARG A 167 23.13 9.10 -15.10
C ARG A 167 23.93 8.05 -15.86
N TYR A 168 24.42 7.04 -15.13
CA TYR A 168 25.27 6.02 -15.72
C TYR A 168 24.59 5.29 -16.87
N ASP A 169 23.25 5.23 -16.86
CA ASP A 169 22.48 4.58 -17.92
C ASP A 169 21.91 5.57 -18.92
N TYR A 170 22.45 6.80 -18.94
CA TYR A 170 22.14 7.88 -19.87
C TYR A 170 20.78 8.53 -19.59
N LEU A 171 20.14 8.24 -18.46
CA LEU A 171 18.99 9.02 -18.04
C LEU A 171 19.43 10.47 -17.86
N VAL A 172 18.65 11.40 -18.40
CA VAL A 172 19.00 12.81 -18.36
C VAL A 172 18.49 13.40 -17.05
N LEU A 173 19.40 13.98 -16.26
CA LEU A 173 19.11 14.56 -14.96
C LEU A 173 19.36 16.07 -15.00
N HIS A 174 18.61 16.78 -14.17
CA HIS A 174 18.74 18.22 -13.94
C HIS A 174 19.32 18.45 -12.54
N ASN A 175 19.94 19.62 -12.36
N ASN A 175 19.92 19.62 -12.36
CA ASN A 175 20.38 20.08 -11.04
CA ASN A 175 20.44 20.08 -11.06
C ASN A 175 19.30 19.93 -10.00
C ASN A 175 19.55 19.75 -9.86
N CYS B 5 -6.80 24.60 3.28
CA CYS B 5 -8.20 24.48 2.92
C CYS B 5 -8.67 23.05 3.18
N LEU B 6 -9.99 22.84 3.21
CA LEU B 6 -10.57 21.58 3.65
C LEU B 6 -11.40 20.96 2.53
N GLN B 7 -11.45 19.63 2.54
CA GLN B 7 -12.29 18.93 1.59
C GLN B 7 -13.75 19.34 1.75
N ASN B 8 -14.43 19.54 0.64
CA ASN B 8 -15.87 19.76 0.69
C ASN B 8 -16.54 18.59 1.42
N GLY B 9 -17.49 18.91 2.27
CA GLY B 9 -18.15 17.95 3.11
C GLY B 9 -17.62 17.89 4.54
N THR B 10 -16.55 18.60 4.86
CA THR B 10 -16.12 18.69 6.23
C THR B 10 -17.17 19.45 7.04
N ARG B 11 -17.58 18.88 8.17
CA ARG B 11 -18.64 19.45 8.99
C ARG B 11 -18.03 20.35 10.05
N LEU B 12 -18.39 21.64 10.03
CA LEU B 12 -17.92 22.63 10.98
C LEU B 12 -19.06 23.08 11.87
N LEU B 13 -18.72 23.84 12.90
CA LEU B 13 -19.68 24.37 13.85
C LEU B 13 -19.86 25.86 13.64
N ARG B 14 -21.11 26.30 13.48
CA ARG B 14 -21.43 27.72 13.53
C ARG B 14 -21.26 28.24 14.96
N ALA B 15 -21.28 29.57 15.08
CA ALA B 15 -21.09 30.17 16.40
C ALA B 15 -22.19 29.75 17.38
N ASP B 16 -23.38 29.44 16.87
CA ASP B 16 -24.50 29.02 17.72
C ASP B 16 -24.54 27.52 17.97
N GLY B 17 -23.56 26.77 17.48
CA GLY B 17 -23.47 25.34 17.75
C GLY B 17 -24.05 24.45 16.68
N SER B 18 -24.80 24.99 15.73
CA SER B 18 -25.31 24.19 14.64
C SER B 18 -24.19 23.91 13.62
N GLU B 19 -24.41 22.88 12.82
CA GLU B 19 -23.42 22.42 11.85
C GLU B 19 -23.58 23.13 10.52
N VAL B 20 -22.46 23.31 9.84
CA VAL B 20 -22.40 23.88 8.49
C VAL B 20 -21.28 23.19 7.73
N LEU B 21 -21.54 22.80 6.49
CA LEU B 21 -20.47 22.27 5.66
C LEU B 21 -19.53 23.38 5.24
N VAL B 22 -18.24 23.05 5.13
CA VAL B 22 -17.23 24.09 4.88
C VAL B 22 -17.52 24.83 3.58
N GLU B 23 -18.05 24.13 2.58
CA GLU B 23 -18.34 24.78 1.31
C GLU B 23 -19.59 25.63 1.34
N ASP B 24 -20.38 25.57 2.42
CA ASP B 24 -21.55 26.42 2.58
C ASP B 24 -21.23 27.67 3.39
N VAL B 25 -20.01 27.80 3.91
CA VAL B 25 -19.63 28.97 4.68
C VAL B 25 -19.50 30.18 3.75
N GLN B 26 -20.16 31.27 4.11
CA GLN B 26 -20.18 32.47 3.29
C GLN B 26 -19.44 33.60 3.99
N GLU B 27 -19.08 34.62 3.20
CA GLU B 27 -18.39 35.78 3.76
C GLU B 27 -19.17 36.34 4.94
N GLY B 28 -18.46 36.59 6.04
CA GLY B 28 -19.05 37.14 7.25
C GLY B 28 -19.66 36.13 8.20
N ASP B 29 -19.78 34.87 7.80
CA ASP B 29 -20.43 33.86 8.64
C ASP B 29 -19.69 33.71 9.96
N GLN B 30 -20.45 33.34 11.00
CA GLN B 30 -19.92 33.18 12.35
C GLN B 30 -19.72 31.71 12.66
N LEU B 31 -18.47 31.34 12.93
CA LEU B 31 -18.08 30.00 13.33
C LEU B 31 -17.69 29.99 14.80
N LEU B 32 -17.49 28.79 15.34
CA LEU B 32 -17.20 28.60 16.75
C LEU B 32 -15.70 28.44 16.98
N GLY B 33 -15.14 29.27 17.84
CA GLY B 33 -13.75 29.14 18.20
C GLY B 33 -13.56 28.09 19.28
N PRO B 34 -12.33 27.61 19.46
CA PRO B 34 -12.10 26.53 20.44
C PRO B 34 -12.40 26.92 21.87
N ASP B 35 -12.33 28.21 22.22
CA ASP B 35 -12.68 28.66 23.56
C ASP B 35 -14.16 29.02 23.70
N GLY B 36 -14.96 28.80 22.65
CA GLY B 36 -16.37 29.14 22.71
C GLY B 36 -16.71 30.52 22.23
N THR B 37 -15.73 31.33 21.84
CA THR B 37 -16.02 32.65 21.28
C THR B 37 -16.25 32.54 19.78
N SER B 38 -16.78 33.62 19.21
CA SER B 38 -17.15 33.62 17.80
C SER B 38 -15.94 33.89 16.94
N ARG B 39 -16.05 33.47 15.68
CA ARG B 39 -15.07 33.76 14.64
C ARG B 39 -15.83 34.18 13.41
N THR B 40 -15.31 35.14 12.66
CA THR B 40 -15.93 35.55 11.42
C THR B 40 -15.07 35.06 10.26
N ALA B 41 -15.71 34.45 9.26
CA ALA B 41 -15.02 33.90 8.11
C ALA B 41 -15.05 34.88 6.95
N SER B 42 -13.97 34.93 6.18
CA SER B 42 -13.87 35.83 5.05
C SER B 42 -12.92 35.25 4.02
N LYS B 43 -12.92 35.86 2.83
CA LYS B 43 -12.12 35.44 1.69
C LYS B 43 -12.31 33.94 1.41
N ILE B 44 -13.55 33.61 1.03
CA ILE B 44 -13.89 32.24 0.66
C ILE B 44 -13.29 31.92 -0.71
N VAL B 45 -12.54 30.82 -0.78
CA VAL B 45 -11.96 30.37 -2.04
C VAL B 45 -12.30 28.89 -2.20
N ARG B 46 -12.26 28.44 -3.45
CA ARG B 46 -12.61 27.06 -3.79
C ARG B 46 -11.64 26.56 -4.84
N GLY B 47 -11.47 25.24 -4.86
CA GLY B 47 -10.62 24.64 -5.87
C GLY B 47 -10.82 23.14 -5.92
N GLU B 48 -9.97 22.46 -6.68
CA GLU B 48 -10.06 21.00 -6.80
C GLU B 48 -8.68 20.44 -7.05
N GLU B 49 -8.22 19.55 -6.16
CA GLU B 49 -6.88 18.99 -6.31
C GLU B 49 -6.74 17.75 -5.44
N ARG B 50 -5.61 17.07 -5.62
CA ARG B 50 -5.29 15.91 -4.78
C ARG B 50 -4.98 16.38 -3.37
N LEU B 51 -5.77 15.92 -2.40
CA LEU B 51 -5.65 16.34 -1.01
C LEU B 51 -4.93 15.27 -0.20
N TYR B 52 -4.59 15.62 1.03
CA TYR B 52 -3.98 14.71 1.99
C TYR B 52 -5.04 14.24 2.97
N ARG B 53 -5.09 12.92 3.19
CA ARG B 53 -5.96 12.28 4.15
C ARG B 53 -5.17 11.94 5.41
N ILE B 54 -5.66 12.41 6.56
CA ILE B 54 -5.05 12.21 7.86
C ILE B 54 -5.98 11.33 8.68
N LYS B 55 -5.46 10.18 9.12
CA LYS B 55 -6.20 9.24 9.95
C LYS B 55 -5.54 9.17 11.31
N THR B 56 -6.37 9.20 12.34
CA THR B 56 -5.93 9.06 13.72
C THR B 56 -6.18 7.64 14.21
N HIS B 57 -5.43 7.25 15.25
CA HIS B 57 -5.73 6.00 15.96
C HIS B 57 -7.15 6.04 16.51
N GLU B 58 -7.50 7.15 17.14
CA GLU B 58 -8.81 7.28 17.76
C GLU B 58 -9.90 7.26 16.69
N GLY B 59 -11.06 6.71 17.05
CA GLY B 59 -12.16 6.56 16.12
C GLY B 59 -12.90 7.85 15.80
N LEU B 60 -12.20 8.82 15.22
CA LEU B 60 -12.78 10.07 14.77
C LEU B 60 -12.63 10.18 13.27
N GLU B 61 -13.45 11.04 12.66
CA GLU B 61 -13.43 11.19 11.22
C GLU B 61 -12.06 11.65 10.73
N ASP B 62 -11.64 11.08 9.59
CA ASP B 62 -10.42 11.52 8.91
C ASP B 62 -10.50 13.01 8.59
N LEU B 63 -9.34 13.65 8.57
CA LEU B 63 -9.21 15.05 8.14
C LEU B 63 -8.58 15.09 6.76
N VAL B 64 -9.22 15.76 5.82
CA VAL B 64 -8.76 15.77 4.42
C VAL B 64 -8.58 17.22 3.97
N CYS B 65 -7.35 17.60 3.68
CA CYS B 65 -7.02 19.02 3.51
C CYS B 65 -5.91 19.16 2.47
N THR B 66 -5.75 20.37 1.94
CA THR B 66 -4.70 20.66 0.98
C THR B 66 -3.29 20.55 1.59
N HIS B 67 -2.30 20.43 0.70
CA HIS B 67 -0.90 20.28 1.11
C HIS B 67 -0.38 21.50 1.86
N ASN B 68 -0.94 22.67 1.60
CA ASN B 68 -0.47 23.88 2.28
C ASN B 68 -1.32 24.21 3.51
N HIS B 69 -2.24 23.32 3.90
CA HIS B 69 -3.09 23.59 5.05
C HIS B 69 -2.29 23.54 6.35
N ILE B 70 -2.64 24.42 7.29
CA ILE B 70 -1.94 24.53 8.56
C ILE B 70 -2.62 23.66 9.60
N LEU B 71 -1.88 22.71 10.14
CA LEU B 71 -2.35 21.91 11.27
C LEU B 71 -1.94 22.59 12.57
N SER B 72 -2.90 22.72 13.48
CA SER B 72 -2.63 23.21 14.82
C SER B 72 -2.51 22.00 15.75
N MET B 73 -1.38 21.91 16.43
CA MET B 73 -1.01 20.68 17.11
C MET B 73 -0.43 21.01 18.48
N TYR B 74 -0.33 19.98 19.31
CA TYR B 74 0.47 20.02 20.52
C TYR B 74 1.68 19.13 20.30
N LYS B 75 2.86 19.63 20.65
CA LYS B 75 4.09 18.88 20.52
C LYS B 75 4.66 18.59 21.91
N GLU B 76 5.13 17.35 22.09
CA GLU B 76 5.61 16.93 23.41
C GLU B 76 6.78 17.79 23.87
N ARG B 77 6.78 18.10 25.17
CA ARG B 77 7.84 18.86 25.85
C ARG B 77 8.09 20.21 25.16
N GLU B 94 2.04 22.03 30.02
CA GLU B 94 2.57 21.10 31.03
C GLU B 94 3.63 20.18 30.40
N SER B 95 3.17 19.34 29.47
CA SER B 95 3.99 18.37 28.76
C SER B 95 4.06 18.64 27.27
N HIS B 96 3.18 19.50 26.74
CA HIS B 96 3.11 19.81 25.33
C HIS B 96 3.05 21.32 25.17
N GLU B 97 3.47 21.78 24.00
CA GLU B 97 3.33 23.17 23.62
C GLU B 97 2.61 23.25 22.27
N ARG B 98 1.92 24.36 22.05
CA ARG B 98 1.22 24.57 20.80
C ARG B 98 2.20 24.87 19.67
N VAL B 99 2.00 24.21 18.53
CA VAL B 99 2.80 24.42 17.33
C VAL B 99 1.87 24.37 16.12
N ASP B 100 2.07 25.26 15.15
CA ASP B 100 1.36 25.21 13.89
C ASP B 100 2.33 24.76 12.79
N VAL B 101 1.91 23.82 11.95
CA VAL B 101 2.80 23.28 10.94
C VAL B 101 1.99 22.95 9.70
N THR B 102 2.47 23.33 8.51
CA THR B 102 1.75 22.96 7.31
C THR B 102 1.84 21.46 7.06
N VAL B 103 0.85 20.96 6.29
CA VAL B 103 0.85 19.55 5.94
C VAL B 103 2.14 19.18 5.22
N ASP B 104 2.62 20.04 4.30
CA ASP B 104 3.86 19.73 3.59
C ASP B 104 5.02 19.51 4.57
N ASP B 105 5.26 20.50 5.44
CA ASP B 105 6.37 20.39 6.38
C ASP B 105 6.19 19.18 7.30
N PHE B 106 4.95 18.90 7.71
CA PHE B 106 4.74 17.77 8.60
C PHE B 106 5.01 16.45 7.89
N VAL B 107 4.56 16.34 6.65
CA VAL B 107 4.71 15.11 5.87
C VAL B 107 6.18 14.77 5.67
N ARG B 108 7.02 15.80 5.48
CA ARG B 108 8.44 15.53 5.25
C ARG B 108 9.20 15.16 6.51
N LEU B 109 8.62 15.34 7.69
CA LEU B 109 9.36 15.05 8.91
C LEU B 109 9.58 13.55 9.05
N PRO B 110 10.71 13.14 9.64
CA PRO B 110 10.87 11.73 10.00
C PRO B 110 9.77 11.32 10.97
N GLN B 111 9.33 10.06 10.85
CA GLN B 111 8.20 9.59 11.66
C GLN B 111 8.49 9.65 13.16
N GLN B 112 9.76 9.48 13.55
CA GLN B 112 10.10 9.61 14.96
C GLN B 112 9.87 11.04 15.46
N GLU B 113 9.97 12.03 14.58
CA GLU B 113 9.58 13.39 14.95
C GLU B 113 8.06 13.58 14.84
N GLN B 114 7.43 12.99 13.83
CA GLN B 114 5.98 13.15 13.66
C GLN B 114 5.23 12.67 14.88
N GLN B 115 5.70 11.59 15.51
CA GLN B 115 5.01 11.01 16.66
C GLN B 115 4.89 11.98 17.83
N LYS B 116 5.75 12.98 17.90
CA LYS B 116 5.70 13.93 19.01
C LYS B 116 4.57 14.95 18.86
N TYR B 117 3.99 15.08 17.67
CA TYR B 117 2.93 16.05 17.39
C TYR B 117 1.57 15.37 17.46
N LYS B 118 0.62 16.03 18.10
CA LYS B 118 -0.74 15.50 18.25
C LYS B 118 -1.75 16.54 17.84
N LEU B 119 -2.80 16.12 17.12
CA LEU B 119 -3.97 16.97 16.96
C LEU B 119 -4.73 17.04 18.28
N PHE B 120 -5.66 17.97 18.39
CA PHE B 120 -6.35 18.09 19.68
C PHE B 120 -7.77 18.58 19.48
N ARG B 121 -8.63 18.21 20.43
CA ARG B 121 -10.00 18.69 20.54
C ARG B 121 -10.08 19.72 21.65
N SER B 122 -11.09 20.59 21.57
CA SER B 122 -11.21 21.64 22.58
C SER B 122 -11.62 21.05 23.93
N THR B 123 -10.84 21.34 24.97
CA THR B 123 -11.04 20.71 26.28
C THR B 123 -12.33 21.20 26.93
N ASP B 124 -13.45 20.62 26.52
CA ASP B 124 -14.73 20.75 27.21
C ASP B 124 -15.79 19.85 26.57
N ALA B 137 -7.56 11.71 26.90
CA ALA B 137 -7.63 13.16 26.96
C ALA B 137 -8.19 13.75 25.67
N THR B 138 -7.74 14.97 25.36
CA THR B 138 -8.14 15.66 24.15
C THR B 138 -7.12 15.55 23.03
N LEU B 139 -6.00 14.87 23.24
CA LEU B 139 -4.96 14.74 22.22
C LEU B 139 -5.23 13.55 21.30
N LEU B 140 -5.00 13.76 20.02
CA LEU B 140 -5.26 12.75 19.00
C LEU B 140 -3.95 12.37 18.32
N HIS B 141 -3.79 11.07 18.08
CA HIS B 141 -2.53 10.53 17.59
C HIS B 141 -2.72 10.17 16.13
N ILE B 142 -1.91 10.78 15.26
CA ILE B 142 -2.05 10.54 13.83
C ILE B 142 -1.50 9.15 13.53
N ASN B 143 -2.32 8.32 12.90
CA ASN B 143 -1.81 7.02 12.48
C ASN B 143 -1.21 7.08 11.09
N SER B 144 -1.81 7.85 10.19
CA SER B 144 -1.30 7.90 8.82
C SER B 144 -1.66 9.25 8.19
N ILE B 145 -0.82 9.69 7.27
CA ILE B 145 -1.10 10.86 6.45
C ILE B 145 -0.63 10.55 5.04
N GLU B 146 -1.53 10.65 4.07
CA GLU B 146 -1.20 10.19 2.72
C GLU B 146 -1.81 11.10 1.67
N LEU B 147 -1.08 11.29 0.58
CA LEU B 147 -1.62 12.01 -0.57
C LEU B 147 -2.64 11.14 -1.28
N GLU B 148 -3.80 11.70 -1.57
CA GLU B 148 -4.84 10.89 -2.20
C GLU B 148 -4.56 10.72 -3.69
N GLU B 149 -5.14 9.64 -4.26
CA GLU B 149 -4.84 9.24 -5.63
C GLU B 149 -5.56 10.09 -6.68
N GLU B 150 -6.64 10.79 -6.31
CA GLU B 150 -7.44 11.55 -7.27
C GLU B 150 -7.85 12.88 -6.65
N PRO B 151 -8.02 13.91 -7.49
CA PRO B 151 -8.40 15.23 -6.95
C PRO B 151 -9.83 15.23 -6.44
N THR B 152 -10.08 16.05 -5.42
CA THR B 152 -11.43 16.33 -4.93
C THR B 152 -11.56 17.83 -4.69
N LYS B 153 -12.82 18.27 -4.56
CA LYS B 153 -13.08 19.70 -4.38
C LYS B 153 -12.85 20.12 -2.94
N TRP B 154 -12.31 21.33 -2.77
CA TRP B 154 -12.02 21.90 -1.47
C TRP B 154 -12.50 23.34 -1.37
N SER B 155 -12.70 23.78 -0.14
CA SER B 155 -13.14 25.13 0.19
C SER B 155 -12.32 25.67 1.36
N GLY B 156 -11.94 26.94 1.27
CA GLY B 156 -11.16 27.58 2.30
C GLY B 156 -11.66 28.99 2.57
N PHE B 157 -11.21 29.52 3.70
CA PHE B 157 -11.49 30.90 4.11
C PHE B 157 -10.48 31.27 5.17
N VAL B 158 -10.47 32.54 5.54
CA VAL B 158 -9.65 32.99 6.66
C VAL B 158 -10.57 33.28 7.84
N VAL B 159 -10.02 33.16 9.04
CA VAL B 159 -10.74 33.35 10.29
C VAL B 159 -9.97 34.37 11.12
N ASP B 160 -10.69 35.22 11.84
CA ASP B 160 -10.05 36.27 12.63
C ASP B 160 -9.61 35.71 13.98
N LYS B 161 -9.21 36.60 14.90
CA LYS B 161 -8.73 36.23 16.25
C LYS B 161 -7.52 35.32 16.09
N ASP B 162 -7.50 34.14 16.71
CA ASP B 162 -6.34 33.25 16.66
C ASP B 162 -6.34 32.32 15.45
N SER B 163 -7.25 32.54 14.49
CA SER B 163 -7.40 31.75 13.26
C SER B 163 -7.82 30.31 13.52
N LEU B 164 -8.34 30.01 14.71
CA LEU B 164 -8.76 28.65 15.04
C LEU B 164 -10.29 28.55 15.06
N TYR B 165 -10.80 27.40 14.65
CA TYR B 165 -12.23 27.14 14.66
C TYR B 165 -12.46 25.64 14.86
N LEU B 166 -13.72 25.25 15.01
CA LEU B 166 -14.04 23.90 15.48
C LEU B 166 -14.72 23.07 14.40
N ARG B 167 -14.25 21.84 14.24
CA ARG B 167 -15.00 20.81 13.53
C ARG B 167 -16.19 20.36 14.39
N TYR B 168 -17.13 19.66 13.75
CA TYR B 168 -18.36 19.27 14.45
C TYR B 168 -18.07 18.42 15.68
N ASP B 169 -16.96 17.68 15.68
CA ASP B 169 -16.59 16.81 16.79
C ASP B 169 -15.58 17.47 17.71
N TYR B 170 -15.41 18.78 17.61
CA TYR B 170 -14.56 19.66 18.41
C TYR B 170 -13.07 19.55 18.11
N LEU B 171 -12.67 18.85 17.05
CA LEU B 171 -11.30 18.93 16.59
C LEU B 171 -10.96 20.38 16.24
N VAL B 172 -9.82 20.85 16.72
CA VAL B 172 -9.42 22.25 16.53
C VAL B 172 -8.71 22.37 15.19
N LEU B 173 -9.24 23.24 14.32
CA LEU B 173 -8.71 23.48 13.00
C LEU B 173 -8.16 24.90 12.89
N HIS B 174 -7.17 25.06 12.03
CA HIS B 174 -6.57 26.33 11.65
C HIS B 174 -6.99 26.69 10.23
N ASN B 175 -6.96 27.99 9.94
N ASN B 175 -6.91 27.97 9.91
CA ASN B 175 -7.17 28.50 8.59
CA ASN B 175 -7.24 28.51 8.59
C ASN B 175 -6.28 27.80 7.57
C ASN B 175 -6.69 27.68 7.43
N CYS C 5 16.80 -5.98 18.60
CA CYS C 5 17.34 -4.64 18.82
C CYS C 5 16.35 -3.59 18.34
N LEU C 6 16.55 -2.34 18.79
CA LEU C 6 15.57 -1.29 18.63
C LEU C 6 16.14 -0.15 17.78
N GLN C 7 15.26 0.52 17.06
CA GLN C 7 15.67 1.70 16.31
C GLN C 7 16.24 2.75 17.26
N ASN C 8 17.32 3.41 16.82
CA ASN C 8 17.85 4.53 17.59
C ASN C 8 16.76 5.56 17.83
N GLY C 9 16.73 6.12 19.04
CA GLY C 9 15.71 7.07 19.42
C GLY C 9 14.57 6.49 20.22
N THR C 10 14.51 5.18 20.40
CA THR C 10 13.51 4.58 21.27
C THR C 10 13.78 5.01 22.70
N ARG C 11 12.73 5.48 23.38
CA ARG C 11 12.87 6.04 24.73
C ARG C 11 12.59 4.97 25.76
N LEU C 12 13.60 4.65 26.59
CA LEU C 12 13.51 3.67 27.65
C LEU C 12 13.60 4.36 29.01
N LEU C 13 13.35 3.59 30.07
CA LEU C 13 13.42 4.08 31.44
C LEU C 13 14.65 3.53 32.15
N ARG C 14 15.44 4.42 32.73
CA ARG C 14 16.46 3.98 33.68
C ARG C 14 15.80 3.43 34.94
N ALA C 15 16.59 2.75 35.76
CA ALA C 15 16.06 2.15 36.98
C ALA C 15 15.48 3.20 37.93
N ASP C 16 15.95 4.44 37.85
CA ASP C 16 15.46 5.52 38.70
C ASP C 16 14.27 6.27 38.09
N GLY C 17 13.78 5.86 36.92
CA GLY C 17 12.62 6.46 36.32
C GLY C 17 12.90 7.52 35.28
N SER C 18 14.14 7.98 35.16
CA SER C 18 14.46 8.94 34.11
C SER C 18 14.54 8.22 32.75
N GLU C 19 14.40 9.00 31.68
CA GLU C 19 14.40 8.48 30.33
C GLU C 19 15.81 8.44 29.76
N VAL C 20 16.06 7.46 28.91
CA VAL C 20 17.33 7.29 28.22
C VAL C 20 17.04 6.75 26.82
N LEU C 21 17.71 7.32 25.83
CA LEU C 21 17.58 6.78 24.48
C LEU C 21 18.36 5.47 24.38
N VAL C 22 17.82 4.54 23.59
CA VAL C 22 18.41 3.20 23.56
C VAL C 22 19.88 3.26 23.16
N GLU C 23 20.24 4.20 22.26
CA GLU C 23 21.61 4.30 21.79
C GLU C 23 22.54 4.94 22.82
N ASP C 24 21.99 5.52 23.88
CA ASP C 24 22.78 6.09 24.97
C ASP C 24 22.97 5.13 26.13
N VAL C 25 22.37 3.94 26.09
CA VAL C 25 22.58 2.95 27.15
C VAL C 25 23.98 2.39 27.05
N GLN C 26 24.69 2.35 28.18
CA GLN C 26 26.07 1.89 28.24
C GLN C 26 26.18 0.60 29.03
N GLU C 27 27.34 -0.05 28.89
CA GLU C 27 27.63 -1.28 29.63
C GLU C 27 27.42 -1.07 31.13
N GLY C 28 26.69 -2.00 31.75
CA GLY C 28 26.41 -1.94 33.17
C GLY C 28 25.27 -1.04 33.58
N ASP C 29 24.69 -0.26 32.66
CA ASP C 29 23.61 0.66 33.01
C ASP C 29 22.42 -0.07 33.60
N GLN C 30 21.71 0.60 34.49
CA GLN C 30 20.55 0.02 35.18
C GLN C 30 19.28 0.54 34.54
N LEU C 31 18.47 -0.37 34.01
CA LEU C 31 17.17 -0.08 33.44
C LEU C 31 16.07 -0.57 34.37
N LEU C 32 14.84 -0.19 34.06
CA LEU C 32 13.70 -0.50 34.90
C LEU C 32 12.98 -1.74 34.36
N GLY C 33 12.83 -2.75 35.21
CA GLY C 33 12.10 -3.93 34.86
C GLY C 33 10.60 -3.71 35.07
N PRO C 34 9.77 -4.57 34.47
CA PRO C 34 8.32 -4.38 34.60
C PRO C 34 7.80 -4.51 36.03
N ASP C 35 8.52 -5.18 36.92
CA ASP C 35 8.14 -5.28 38.33
C ASP C 35 8.70 -4.15 39.17
N GLY C 36 9.40 -3.20 38.56
CA GLY C 36 9.98 -2.10 39.28
C GLY C 36 11.38 -2.32 39.79
N THR C 37 11.93 -3.52 39.62
CA THR C 37 13.29 -3.79 40.06
C THR C 37 14.30 -3.45 38.97
N SER C 38 15.57 -3.41 39.37
CA SER C 38 16.66 -3.09 38.48
C SER C 38 16.87 -4.18 37.43
N ARG C 39 17.47 -3.77 36.32
CA ARG C 39 17.98 -4.65 35.28
C ARG C 39 19.32 -4.09 34.84
N THR C 40 20.26 -4.97 34.51
CA THR C 40 21.58 -4.54 34.06
C THR C 40 21.72 -4.80 32.56
N ALA C 41 22.18 -3.79 31.84
CA ALA C 41 22.40 -3.88 30.40
C ALA C 41 23.85 -4.22 30.13
N SER C 42 24.08 -5.01 29.08
CA SER C 42 25.43 -5.44 28.72
C SER C 42 25.48 -5.72 27.22
N LYS C 43 26.71 -5.86 26.72
CA LYS C 43 27.02 -6.19 25.33
C LYS C 43 26.29 -5.25 24.35
N ILE C 44 26.69 -3.98 24.40
CA ILE C 44 26.13 -2.96 23.52
C ILE C 44 26.53 -3.26 22.08
N VAL C 45 25.55 -3.38 21.19
CA VAL C 45 25.81 -3.61 19.77
C VAL C 45 25.00 -2.62 18.94
N ARG C 46 25.53 -2.27 17.77
CA ARG C 46 24.88 -1.29 16.91
C ARG C 46 24.95 -1.74 15.47
N GLY C 47 23.99 -1.28 14.67
CA GLY C 47 24.01 -1.59 13.26
C GLY C 47 23.06 -0.69 12.51
N GLU C 48 22.84 -1.02 11.24
CA GLU C 48 21.93 -0.24 10.41
C GLU C 48 21.32 -1.16 9.37
N GLU C 49 19.99 -1.25 9.37
CA GLU C 49 19.33 -2.12 8.40
C GLU C 49 17.86 -1.76 8.31
N ARG C 50 17.17 -2.39 7.36
CA ARG C 50 15.74 -2.18 7.22
C ARG C 50 15.01 -2.81 8.41
N LEU C 51 14.31 -2.01 9.19
CA LEU C 51 13.65 -2.47 10.39
C LEU C 51 12.17 -2.72 10.12
N TYR C 52 11.51 -3.34 11.10
CA TYR C 52 10.07 -3.56 11.08
C TYR C 52 9.40 -2.52 11.98
N ARG C 53 8.35 -1.89 11.43
CA ARG C 53 7.53 -0.94 12.17
C ARG C 53 6.26 -1.63 12.60
N ILE C 54 5.98 -1.58 13.91
CA ILE C 54 4.80 -2.17 14.52
C ILE C 54 3.92 -1.02 15.00
N LYS C 55 2.69 -0.97 14.49
CA LYS C 55 1.70 0.02 14.86
C LYS C 55 0.54 -0.67 15.56
N THR C 56 0.08 -0.09 16.66
CA THR C 56 -1.03 -0.59 17.44
C THR C 56 -2.30 0.22 17.14
N HIS C 57 -3.45 -0.42 17.41
CA HIS C 57 -4.73 0.29 17.39
C HIS C 57 -4.70 1.45 18.39
N GLU C 58 -4.20 1.19 19.59
CA GLU C 58 -4.14 2.20 20.64
C GLU C 58 -3.15 3.29 20.26
N GLY C 59 -3.43 4.51 20.72
CA GLY C 59 -2.59 5.64 20.36
C GLY C 59 -1.28 5.71 21.11
N LEU C 60 -0.41 4.72 20.93
CA LEU C 60 0.92 4.74 21.53
C LEU C 60 1.96 4.73 20.42
N GLU C 61 3.18 5.13 20.77
CA GLU C 61 4.25 5.26 19.79
C GLU C 61 4.50 3.91 19.13
N ASP C 62 4.75 3.94 17.82
CA ASP C 62 5.14 2.75 17.09
C ASP C 62 6.40 2.15 17.70
N LEU C 63 6.54 0.83 17.59
CA LEU C 63 7.77 0.16 17.98
C LEU C 63 8.51 -0.27 16.72
N VAL C 64 9.78 0.11 16.61
CA VAL C 64 10.56 -0.15 15.41
C VAL C 64 11.79 -0.97 15.78
N CYS C 65 11.88 -2.20 15.26
CA CYS C 65 12.85 -3.16 15.76
C CYS C 65 13.36 -4.04 14.62
N THR C 66 14.50 -4.68 14.84
CA THR C 66 15.05 -5.63 13.86
C THR C 66 14.20 -6.88 13.67
N HIS C 67 14.49 -7.59 12.58
CA HIS C 67 13.74 -8.79 12.22
C HIS C 67 13.91 -9.90 13.25
N ASN C 68 15.03 -9.93 13.96
CA ASN C 68 15.31 -10.96 14.94
C ASN C 68 14.97 -10.51 16.36
N HIS C 69 14.36 -9.34 16.52
CA HIS C 69 14.04 -8.86 17.85
C HIS C 69 12.92 -9.70 18.47
N ILE C 70 13.03 -9.96 19.77
CA ILE C 70 12.04 -10.78 20.47
C ILE C 70 10.95 -9.89 21.04
N LEU C 71 9.71 -10.13 20.63
CA LEU C 71 8.55 -9.50 21.23
C LEU C 71 8.05 -10.35 22.39
N SER C 72 7.79 -9.70 23.53
CA SER C 72 7.14 -10.34 24.66
C SER C 72 5.66 -9.99 24.61
N MET C 73 4.81 -11.02 24.57
CA MET C 73 3.41 -10.83 24.25
C MET C 73 2.58 -11.71 25.17
N TYR C 74 1.28 -11.43 25.18
CA TYR C 74 0.27 -12.33 25.73
C TYR C 74 -0.52 -12.92 24.57
N LYS C 75 -0.72 -14.23 24.57
CA LYS C 75 -1.48 -14.88 23.52
C LYS C 75 -2.79 -15.40 24.08
N GLU C 76 -3.88 -15.14 23.36
CA GLU C 76 -5.21 -15.55 23.81
C GLU C 76 -5.33 -17.06 23.84
N ARG C 77 -6.03 -17.56 24.86
CA ARG C 77 -6.20 -18.99 25.10
C ARG C 77 -4.88 -19.75 25.08
N GLU C 94 -5.85 -17.06 33.46
CA GLU C 94 -6.40 -15.93 32.74
C GLU C 94 -7.01 -16.36 31.41
N SER C 95 -7.10 -15.40 30.50
CA SER C 95 -7.46 -15.65 29.11
C SER C 95 -6.24 -15.74 28.20
N HIS C 96 -5.07 -15.33 28.68
CA HIS C 96 -3.87 -15.26 27.88
C HIS C 96 -2.71 -15.93 28.61
N GLU C 97 -1.71 -16.33 27.84
CA GLU C 97 -0.46 -16.86 28.37
C GLU C 97 0.71 -16.05 27.82
N ARG C 98 1.80 -15.99 28.58
CA ARG C 98 2.97 -15.26 28.15
C ARG C 98 3.72 -16.04 27.06
N VAL C 99 4.11 -15.34 25.99
CA VAL C 99 4.86 -15.94 24.90
C VAL C 99 5.90 -14.95 24.40
N ASP C 100 7.09 -15.44 24.08
CA ASP C 100 8.11 -14.64 23.42
C ASP C 100 8.24 -15.14 21.99
N VAL C 101 8.28 -14.22 21.04
CA VAL C 101 8.28 -14.61 19.63
C VAL C 101 9.12 -13.60 18.86
N THR C 102 9.99 -14.08 17.97
CA THR C 102 10.75 -13.13 17.17
C THR C 102 9.85 -12.44 16.16
N VAL C 103 10.29 -11.26 15.73
CA VAL C 103 9.56 -10.51 14.70
C VAL C 103 9.45 -11.35 13.43
N ASP C 104 10.52 -12.06 13.06
CA ASP C 104 10.46 -12.90 11.87
C ASP C 104 9.33 -13.93 11.98
N ASP C 105 9.34 -14.70 13.07
CA ASP C 105 8.33 -15.73 13.26
C ASP C 105 6.93 -15.12 13.33
N PHE C 106 6.79 -13.98 14.00
CA PHE C 106 5.47 -13.36 14.12
C PHE C 106 4.96 -12.86 12.78
N VAL C 107 5.84 -12.22 12.01
CA VAL C 107 5.48 -11.67 10.71
C VAL C 107 4.99 -12.77 9.79
N ARG C 108 5.58 -13.96 9.88
CA ARG C 108 5.20 -15.03 8.97
C ARG C 108 3.90 -15.75 9.35
N LEU C 109 3.35 -15.51 10.54
CA LEU C 109 2.12 -16.19 10.96
C LEU C 109 0.91 -15.67 10.17
N PRO C 110 -0.09 -16.51 9.95
CA PRO C 110 -1.36 -16.01 9.38
C PRO C 110 -1.98 -14.96 10.29
N GLN C 111 -2.62 -13.96 9.67
CA GLN C 111 -3.17 -12.86 10.47
C GLN C 111 -4.20 -13.34 11.48
N GLN C 112 -4.94 -14.41 11.16
CA GLN C 112 -5.89 -14.94 12.13
C GLN C 112 -5.20 -15.46 13.38
N GLU C 113 -3.95 -15.93 13.24
CA GLU C 113 -3.15 -16.29 14.40
C GLU C 113 -2.52 -15.05 15.03
N GLN C 114 -2.07 -14.09 14.21
CA GLN C 114 -1.45 -12.88 14.77
C GLN C 114 -2.40 -12.15 15.71
N GLN C 115 -3.70 -12.10 15.36
CA GLN C 115 -4.66 -11.35 16.16
C GLN C 115 -4.72 -11.85 17.60
N LYS C 116 -4.28 -13.08 17.85
CA LYS C 116 -4.34 -13.64 19.20
C LYS C 116 -3.23 -13.10 20.10
N TYR C 117 -2.21 -12.46 19.53
CA TYR C 117 -1.06 -11.96 20.28
C TYR C 117 -1.19 -10.48 20.53
N LYS C 118 -0.88 -10.06 21.76
CA LYS C 118 -0.96 -8.66 22.16
C LYS C 118 0.33 -8.24 22.83
N LEU C 119 0.79 -7.02 22.55
CA LEU C 119 1.83 -6.44 23.37
C LEU C 119 1.22 -6.02 24.71
N PHE C 120 2.07 -5.67 25.68
CA PHE C 120 1.46 -5.30 26.95
C PHE C 120 2.32 -4.28 27.68
N ARG C 121 1.64 -3.50 28.52
CA ARG C 121 2.28 -2.55 29.41
C ARG C 121 2.25 -3.10 30.82
N SER C 122 3.19 -2.63 31.65
CA SER C 122 3.26 -3.09 33.02
C SER C 122 2.10 -2.51 33.82
N THR C 123 1.34 -3.38 34.49
CA THR C 123 0.12 -2.98 35.20
C THR C 123 0.54 -2.11 36.39
N ASP C 124 0.91 -0.87 36.08
CA ASP C 124 1.47 0.06 37.07
C ASP C 124 1.42 1.48 36.53
N ALA C 137 -7.29 -0.75 29.10
CA ALA C 137 -6.65 -2.05 29.30
C ALA C 137 -5.13 -1.93 29.18
N THR C 138 -4.42 -2.96 29.65
CA THR C 138 -2.96 -2.97 29.56
C THR C 138 -2.47 -3.77 28.36
N LEU C 139 -3.36 -4.43 27.63
CA LEU C 139 -2.98 -5.15 26.42
C LEU C 139 -3.10 -4.23 25.22
N LEU C 140 -2.16 -4.36 24.29
CA LEU C 140 -2.11 -3.54 23.10
C LEU C 140 -2.29 -4.43 21.88
N HIS C 141 -3.11 -3.97 20.95
CA HIS C 141 -3.54 -4.75 19.80
C HIS C 141 -2.79 -4.24 18.58
N ILE C 142 -2.05 -5.13 17.94
CA ILE C 142 -1.23 -4.73 16.80
C ILE C 142 -2.13 -4.52 15.58
N ASN C 143 -2.04 -3.32 15.00
CA ASN C 143 -2.79 -3.07 13.78
C ASN C 143 -2.00 -3.41 12.53
N SER C 144 -0.69 -3.16 12.54
CA SER C 144 0.09 -3.44 11.35
C SER C 144 1.54 -3.69 11.74
N ILE C 145 2.21 -4.52 10.95
CA ILE C 145 3.65 -4.71 11.11
C ILE C 145 4.24 -4.80 9.70
N GLU C 146 5.18 -3.93 9.40
CA GLU C 146 5.68 -3.82 8.03
C GLU C 146 7.19 -3.64 8.00
N LEU C 147 7.83 -4.25 7.01
CA LEU C 147 9.24 -3.98 6.78
C LEU C 147 9.40 -2.59 6.16
N GLU C 148 10.31 -1.79 6.70
CA GLU C 148 10.51 -0.44 6.20
C GLU C 148 11.36 -0.43 4.94
N GLU C 149 11.17 0.61 4.13
CA GLU C 149 11.73 0.71 2.78
C GLU C 149 13.20 1.08 2.74
N GLU C 150 13.72 1.65 3.82
CA GLU C 150 15.10 2.11 3.86
C GLU C 150 15.72 1.72 5.20
N PRO C 151 17.02 1.49 5.23
CA PRO C 151 17.66 1.11 6.50
C PRO C 151 17.75 2.28 7.46
N THR C 152 17.67 1.98 8.76
CA THR C 152 17.94 2.95 9.79
C THR C 152 18.82 2.32 10.86
N LYS C 153 19.44 3.18 11.69
CA LYS C 153 20.37 2.70 12.69
C LYS C 153 19.64 2.15 13.91
N TRP C 154 20.19 1.08 14.47
CA TRP C 154 19.61 0.41 15.63
C TRP C 154 20.69 0.14 16.66
N SER C 155 20.24 -0.06 17.90
CA SER C 155 21.09 -0.40 19.04
C SER C 155 20.45 -1.53 19.83
N GLY C 156 21.28 -2.47 20.28
CA GLY C 156 20.81 -3.59 21.05
C GLY C 156 21.74 -3.86 22.21
N PHE C 157 21.25 -4.66 23.16
CA PHE C 157 22.04 -5.09 24.29
C PHE C 157 21.33 -6.27 24.93
N VAL C 158 21.97 -6.89 25.90
CA VAL C 158 21.34 -7.95 26.67
C VAL C 158 20.97 -7.38 28.03
N VAL C 159 19.95 -7.98 28.63
CA VAL C 159 19.42 -7.59 29.93
C VAL C 159 19.37 -8.85 30.80
N ASP C 160 19.69 -8.71 32.09
CA ASP C 160 19.72 -9.85 32.98
C ASP C 160 18.30 -10.13 33.53
N LYS C 161 18.20 -11.01 34.51
CA LYS C 161 16.94 -11.40 35.16
C LYS C 161 16.01 -11.97 34.09
N ASP C 162 14.79 -11.46 33.93
CA ASP C 162 13.85 -12.02 32.97
C ASP C 162 14.01 -11.46 31.56
N SER C 163 15.07 -10.66 31.32
CA SER C 163 15.35 -10.04 30.03
C SER C 163 14.31 -9.00 29.63
N LEU C 164 13.51 -8.51 30.58
CA LEU C 164 12.48 -7.53 30.29
C LEU C 164 12.86 -6.17 30.87
N TYR C 165 12.47 -5.12 30.14
CA TYR C 165 12.69 -3.75 30.59
C TYR C 165 11.56 -2.90 30.03
N LEU C 166 11.52 -1.63 30.41
CA LEU C 166 10.36 -0.80 30.15
C LEU C 166 10.70 0.30 29.15
N ARG C 167 9.83 0.47 28.14
CA ARG C 167 9.80 1.70 27.37
C ARG C 167 9.25 2.83 28.22
N TYR C 168 9.47 4.07 27.77
CA TYR C 168 9.08 5.24 28.55
C TYR C 168 7.59 5.24 28.88
N ASP C 169 6.77 4.62 28.04
CA ASP C 169 5.33 4.56 28.26
C ASP C 169 4.88 3.25 28.91
N TYR C 170 5.83 2.51 29.49
CA TYR C 170 5.62 1.27 30.23
C TYR C 170 5.34 0.08 29.32
N LEU C 171 5.52 0.22 28.01
CA LEU C 171 5.53 -0.95 27.14
C LEU C 171 6.65 -1.89 27.58
N VAL C 172 6.33 -3.17 27.70
CA VAL C 172 7.29 -4.16 28.17
C VAL C 172 8.08 -4.68 26.97
N LEU C 173 9.40 -4.52 27.01
CA LEU C 173 10.29 -4.91 25.93
C LEU C 173 11.19 -6.04 26.40
N HIS C 174 11.60 -6.88 25.45
CA HIS C 174 12.55 -7.96 25.64
C HIS C 174 13.87 -7.60 24.97
N ASN C 175 14.93 -8.29 25.39
N ASN C 175 14.94 -8.30 25.37
CA ASN C 175 16.22 -8.29 24.71
CA ASN C 175 16.28 -8.11 24.81
C ASN C 175 16.07 -8.50 23.21
C ASN C 175 16.33 -7.92 23.30
N CYS D 5 -17.98 1.83 -18.18
CA CYS D 5 -17.85 3.24 -18.50
C CYS D 5 -16.43 3.65 -18.14
N LEU D 6 -15.97 4.77 -18.69
CA LEU D 6 -14.58 5.15 -18.61
C LEU D 6 -14.44 6.48 -17.88
N GLN D 7 -13.31 6.65 -17.21
CA GLN D 7 -13.03 7.92 -16.57
C GLN D 7 -12.99 9.03 -17.61
N ASN D 8 -13.56 10.18 -17.26
CA ASN D 8 -13.43 11.35 -18.11
C ASN D 8 -11.96 11.65 -18.36
N GLY D 9 -11.65 12.03 -19.60
CA GLY D 9 -10.28 12.24 -20.02
C GLY D 9 -9.67 11.09 -20.78
N THR D 10 -10.35 9.94 -20.84
CA THR D 10 -9.88 8.84 -21.67
C THR D 10 -9.96 9.23 -23.12
N ARG D 11 -8.85 9.06 -23.85
CA ARG D 11 -8.73 9.48 -25.24
C ARG D 11 -9.06 8.32 -26.17
N LEU D 12 -10.08 8.48 -27.00
CA LEU D 12 -10.52 7.50 -27.97
C LEU D 12 -10.26 8.02 -29.38
N LEU D 13 -10.46 7.13 -30.36
CA LEU D 13 -10.27 7.47 -31.77
C LEU D 13 -11.62 7.59 -32.45
N ARG D 14 -11.86 8.72 -33.12
CA ARG D 14 -12.98 8.80 -34.03
C ARG D 14 -12.75 7.89 -35.24
N ALA D 15 -13.81 7.68 -36.02
CA ALA D 15 -13.70 6.81 -37.19
C ALA D 15 -12.67 7.32 -38.20
N ASP D 16 -12.42 8.63 -38.21
CA ASP D 16 -11.45 9.22 -39.13
C ASP D 16 -10.03 9.24 -38.58
N GLY D 17 -9.81 8.71 -37.38
CA GLY D 17 -8.48 8.64 -36.81
C GLY D 17 -8.14 9.78 -35.87
N SER D 18 -8.93 10.85 -35.84
CA SER D 18 -8.69 11.92 -34.89
C SER D 18 -9.15 11.51 -33.50
N GLU D 19 -8.62 12.21 -32.50
CA GLU D 19 -8.87 11.87 -31.10
C GLU D 19 -10.12 12.57 -30.59
N VAL D 20 -10.78 11.92 -29.64
CA VAL D 20 -11.94 12.48 -28.95
C VAL D 20 -11.90 12.02 -27.50
N LEU D 21 -12.13 12.95 -26.58
CA LEU D 21 -12.25 12.55 -25.18
C LEU D 21 -13.58 11.83 -25.00
N VAL D 22 -13.59 10.85 -24.10
CA VAL D 22 -14.78 10.00 -23.96
C VAL D 22 -16.01 10.85 -23.59
N GLU D 23 -15.82 11.90 -22.79
CA GLU D 23 -16.97 12.71 -22.39
C GLU D 23 -17.46 13.63 -23.50
N ASP D 24 -16.72 13.75 -24.61
CA ASP D 24 -17.12 14.57 -25.75
C ASP D 24 -17.86 13.77 -26.81
N VAL D 25 -17.98 12.46 -26.63
CA VAL D 25 -18.69 11.61 -27.59
C VAL D 25 -20.20 11.85 -27.47
N GLN D 26 -20.84 12.13 -28.59
CA GLN D 26 -22.26 12.44 -28.61
C GLN D 26 -23.05 11.33 -29.31
N GLU D 27 -24.37 11.39 -29.13
CA GLU D 27 -25.25 10.44 -29.78
C GLU D 27 -24.98 10.42 -31.29
N GLY D 28 -24.80 9.22 -31.83
CA GLY D 28 -24.55 9.05 -33.25
C GLY D 28 -23.11 9.22 -33.71
N ASP D 29 -22.21 9.68 -32.84
CA ASP D 29 -20.82 9.88 -33.24
C ASP D 29 -20.20 8.58 -33.73
N GLN D 30 -19.25 8.70 -34.66
CA GLN D 30 -18.59 7.56 -35.26
C GLN D 30 -17.21 7.37 -34.64
N LEU D 31 -16.97 6.20 -34.06
CA LEU D 31 -15.69 5.82 -33.48
C LEU D 31 -15.00 4.80 -34.37
N LEU D 32 -13.75 4.49 -34.06
CA LEU D 32 -12.94 3.57 -34.85
C LEU D 32 -12.99 2.18 -34.23
N GLY D 33 -13.38 1.19 -35.01
CA GLY D 33 -13.36 -0.18 -34.55
C GLY D 33 -12.00 -0.80 -34.72
N PRO D 34 -11.73 -1.91 -34.02
CA PRO D 34 -10.40 -2.54 -34.11
C PRO D 34 -10.08 -3.07 -35.50
N ASP D 35 -11.08 -3.34 -36.33
CA ASP D 35 -10.83 -3.76 -37.71
C ASP D 35 -10.72 -2.57 -38.66
N GLY D 36 -10.80 -1.35 -38.15
CA GLY D 36 -10.70 -0.18 -38.99
C GLY D 36 -12.02 0.32 -39.54
N THR D 37 -13.13 -0.38 -39.30
CA THR D 37 -14.42 0.12 -39.73
C THR D 37 -15.05 0.99 -38.64
N SER D 38 -16.10 1.71 -39.01
CA SER D 38 -16.68 2.66 -38.09
C SER D 38 -17.59 1.95 -37.08
N ARG D 39 -17.88 2.67 -36.00
CA ARG D 39 -18.80 2.21 -34.96
C ARG D 39 -19.67 3.40 -34.57
N THR D 40 -20.93 3.16 -34.26
CA THR D 40 -21.82 4.24 -33.85
C THR D 40 -22.06 4.16 -32.35
N ALA D 41 -21.92 5.28 -31.68
CA ALA D 41 -22.12 5.37 -30.23
C ALA D 41 -23.52 5.87 -29.95
N SER D 42 -24.12 5.33 -28.89
CA SER D 42 -25.48 5.74 -28.50
C SER D 42 -25.65 5.56 -27.00
N LYS D 43 -26.75 6.11 -26.49
CA LYS D 43 -27.11 6.09 -25.07
C LYS D 43 -25.97 6.60 -24.18
N ILE D 44 -25.65 7.88 -24.35
CA ILE D 44 -24.62 8.55 -23.55
C ILE D 44 -25.10 8.73 -22.12
N VAL D 45 -24.32 8.25 -21.15
CA VAL D 45 -24.62 8.40 -19.73
C VAL D 45 -23.36 8.88 -19.02
N ARG D 46 -23.55 9.66 -17.94
CA ARG D 46 -22.42 10.15 -17.17
C ARG D 46 -22.70 9.99 -15.68
N GLY D 47 -21.63 9.82 -14.92
CA GLY D 47 -21.79 9.68 -13.49
C GLY D 47 -20.48 10.01 -12.79
N GLU D 48 -20.44 9.71 -11.49
CA GLU D 48 -19.23 9.96 -10.70
C GLU D 48 -19.15 8.93 -9.60
N GLU D 49 -18.07 8.16 -9.55
CA GLU D 49 -17.93 7.15 -8.51
C GLU D 49 -16.47 6.71 -8.41
N ARG D 50 -16.19 5.94 -7.36
CA ARG D 50 -14.85 5.40 -7.20
C ARG D 50 -14.60 4.37 -8.29
N LEU D 51 -13.60 4.63 -9.12
CA LEU D 51 -13.30 3.79 -10.27
C LEU D 51 -12.14 2.85 -9.98
N TYR D 52 -11.94 1.89 -10.89
CA TYR D 52 -10.83 0.96 -10.82
C TYR D 52 -9.72 1.42 -11.76
N ARG D 53 -8.49 1.46 -11.23
CA ARG D 53 -7.30 1.80 -12.00
C ARG D 53 -6.58 0.51 -12.38
N ILE D 54 -6.35 0.33 -13.67
CA ILE D 54 -5.67 -0.84 -14.24
C ILE D 54 -4.35 -0.35 -14.81
N LYS D 55 -3.24 -0.90 -14.29
CA LYS D 55 -1.89 -0.59 -14.77
C LYS D 55 -1.28 -1.85 -15.35
N THR D 56 -0.61 -1.68 -16.49
CA THR D 56 0.08 -2.76 -17.18
C THR D 56 1.58 -2.70 -16.91
N HIS D 57 2.25 -3.84 -17.09
CA HIS D 57 3.71 -3.83 -17.10
C HIS D 57 4.24 -2.90 -18.18
N GLU D 58 3.66 -3.00 -19.38
CA GLU D 58 4.11 -2.21 -20.51
C GLU D 58 3.83 -0.73 -20.26
N GLY D 59 4.70 0.12 -20.82
CA GLY D 59 4.60 1.55 -20.60
C GLY D 59 3.50 2.21 -21.40
N LEU D 60 2.25 1.82 -21.14
CA LEU D 60 1.08 2.43 -21.74
C LEU D 60 0.20 3.07 -20.67
N GLU D 61 -0.68 3.96 -21.10
CA GLU D 61 -1.50 4.70 -20.16
C GLU D 61 -2.40 3.77 -19.37
N ASP D 62 -2.55 4.05 -18.07
CA ASP D 62 -3.49 3.30 -17.24
C ASP D 62 -4.90 3.40 -17.80
N LEU D 63 -5.69 2.34 -17.59
CA LEU D 63 -7.10 2.36 -17.95
C LEU D 63 -7.92 2.48 -16.67
N VAL D 64 -8.81 3.47 -16.62
CA VAL D 64 -9.58 3.78 -15.43
C VAL D 64 -11.06 3.70 -15.75
N CYS D 65 -11.76 2.75 -15.12
CA CYS D 65 -13.12 2.43 -15.56
C CYS D 65 -13.95 1.96 -14.36
N THR D 66 -15.26 1.97 -14.54
CA THR D 66 -16.21 1.53 -13.51
C THR D 66 -16.11 0.04 -13.21
N HIS D 67 -16.68 -0.33 -12.06
CA HIS D 67 -16.62 -1.71 -11.60
C HIS D 67 -17.38 -2.66 -12.53
N ASN D 68 -18.40 -2.18 -13.22
CA ASN D 68 -19.19 -3.03 -14.10
C ASN D 68 -18.73 -2.97 -15.54
N HIS D 69 -17.63 -2.26 -15.82
CA HIS D 69 -17.15 -2.13 -17.18
C HIS D 69 -16.61 -3.47 -17.68
N ILE D 70 -16.87 -3.77 -18.95
CA ILE D 70 -16.44 -5.03 -19.54
C ILE D 70 -15.07 -4.86 -20.18
N LEU D 71 -14.11 -5.67 -19.74
CA LEU D 71 -12.82 -5.76 -20.40
C LEU D 71 -12.89 -6.85 -21.47
N SER D 72 -12.43 -6.52 -22.69
CA SER D 72 -12.26 -7.53 -23.72
C SER D 72 -10.80 -7.94 -23.71
N MET D 73 -10.56 -9.25 -23.59
CA MET D 73 -9.24 -9.76 -23.27
C MET D 73 -8.96 -10.98 -24.13
N TYR D 74 -7.69 -11.38 -24.15
CA TYR D 74 -7.28 -12.68 -24.64
C TYR D 74 -6.87 -13.54 -23.46
N LYS D 75 -7.36 -14.76 -23.41
CA LYS D 75 -7.03 -15.72 -22.37
C LYS D 75 -6.21 -16.85 -22.96
N GLU D 76 -5.18 -17.28 -22.24
CA GLU D 76 -4.25 -18.29 -22.73
C GLU D 76 -4.98 -19.60 -23.02
N ARG D 77 -4.48 -20.32 -24.03
CA ARG D 77 -5.00 -21.60 -24.50
C ARG D 77 -6.41 -21.44 -25.09
N GLU D 94 -3.90 -18.99 -31.94
CA GLU D 94 -3.92 -20.40 -31.56
C GLU D 94 -3.44 -20.63 -30.14
N SER D 95 -3.02 -19.56 -29.46
CA SER D 95 -2.64 -19.67 -28.06
C SER D 95 -3.65 -19.02 -27.11
N HIS D 96 -4.53 -18.15 -27.60
CA HIS D 96 -5.51 -17.48 -26.73
C HIS D 96 -6.89 -17.47 -27.37
N GLU D 97 -7.95 -17.35 -26.55
CA GLU D 97 -9.25 -16.83 -27.02
C GLU D 97 -9.40 -15.35 -26.76
N ARG D 98 -10.38 -14.80 -27.48
CA ARG D 98 -11.11 -13.64 -27.03
C ARG D 98 -12.08 -14.04 -25.92
N VAL D 99 -12.12 -13.27 -24.83
CA VAL D 99 -13.07 -13.45 -23.74
C VAL D 99 -13.41 -12.08 -23.16
N ASP D 100 -14.67 -11.88 -22.79
CA ASP D 100 -15.12 -10.65 -22.15
C ASP D 100 -15.42 -10.90 -20.68
N VAL D 101 -14.99 -9.98 -19.82
CA VAL D 101 -15.15 -10.18 -18.37
C VAL D 101 -15.35 -8.81 -17.71
N THR D 102 -16.30 -8.71 -16.79
CA THR D 102 -16.47 -7.47 -16.07
C THR D 102 -15.29 -7.24 -15.11
N VAL D 103 -15.07 -5.97 -14.79
CA VAL D 103 -14.03 -5.64 -13.80
C VAL D 103 -14.33 -6.33 -12.48
N ASP D 104 -15.59 -6.36 -12.04
CA ASP D 104 -15.94 -7.01 -10.77
C ASP D 104 -15.48 -8.47 -10.74
N ASP D 105 -15.93 -9.24 -11.75
CA ASP D 105 -15.57 -10.65 -11.83
C ASP D 105 -14.06 -10.83 -11.91
N PHE D 106 -13.38 -9.96 -12.68
CA PHE D 106 -11.94 -10.13 -12.86
C PHE D 106 -11.17 -9.85 -11.57
N VAL D 107 -11.53 -8.78 -10.86
CA VAL D 107 -10.82 -8.42 -9.64
C VAL D 107 -10.98 -9.53 -8.61
N ARG D 108 -12.13 -10.22 -8.60
CA ARG D 108 -12.30 -11.27 -7.60
C ARG D 108 -11.56 -12.56 -7.91
N LEU D 109 -11.04 -12.73 -9.12
CA LEU D 109 -10.33 -13.95 -9.47
C LEU D 109 -8.99 -14.02 -8.72
N PRO D 110 -8.53 -15.22 -8.38
CA PRO D 110 -7.17 -15.35 -7.85
C PRO D 110 -6.15 -14.88 -8.88
N GLN D 111 -5.06 -14.29 -8.38
CA GLN D 111 -4.08 -13.73 -9.31
C GLN D 111 -3.52 -14.80 -10.26
N GLN D 112 -3.46 -16.05 -9.81
CA GLN D 112 -3.02 -17.13 -10.69
C GLN D 112 -3.97 -17.31 -11.88
N GLU D 113 -5.25 -16.98 -11.72
CA GLU D 113 -6.13 -16.96 -12.89
C GLU D 113 -6.01 -15.65 -13.66
N GLN D 114 -5.90 -14.51 -12.96
CA GLN D 114 -5.84 -13.22 -13.64
C GLN D 114 -4.68 -13.17 -14.62
N GLN D 115 -3.54 -13.74 -14.25
CA GLN D 115 -2.33 -13.70 -15.07
C GLN D 115 -2.54 -14.33 -16.45
N LYS D 116 -3.54 -15.20 -16.60
CA LYS D 116 -3.78 -15.84 -17.88
C LYS D 116 -4.50 -14.92 -18.86
N TYR D 117 -5.08 -13.82 -18.38
CA TYR D 117 -5.85 -12.90 -19.21
C TYR D 117 -4.99 -11.70 -19.60
N LYS D 118 -5.09 -11.29 -20.87
CA LYS D 118 -4.31 -10.18 -21.39
C LYS D 118 -5.21 -9.16 -22.07
N LEU D 119 -4.95 -7.88 -21.81
CA LEU D 119 -5.53 -6.85 -22.66
C LEU D 119 -4.81 -6.89 -24.01
N PHE D 120 -5.36 -6.21 -25.01
CA PHE D 120 -4.71 -6.24 -26.31
C PHE D 120 -4.97 -4.98 -27.11
N ARG D 121 -4.03 -4.71 -28.01
CA ARG D 121 -4.15 -3.66 -28.99
C ARG D 121 -4.45 -4.25 -30.35
N SER D 122 -5.08 -3.45 -31.21
CA SER D 122 -5.46 -3.92 -32.53
C SER D 122 -4.22 -4.12 -33.38
N THR D 123 -4.12 -5.28 -34.02
CA THR D 123 -2.91 -5.64 -34.74
C THR D 123 -2.69 -4.69 -35.91
N ASP D 124 -2.32 -3.45 -35.58
CA ASP D 124 -2.08 -2.39 -36.56
C ASP D 124 -0.71 -1.78 -36.34
N ALA D 137 4.78 -7.26 -29.29
CA ALA D 137 3.49 -7.94 -29.36
C ALA D 137 2.34 -6.99 -29.07
N THR D 138 1.12 -7.43 -29.38
CA THR D 138 -0.08 -6.65 -29.15
C THR D 138 -0.78 -7.03 -27.85
N LEU D 139 -0.27 -8.01 -27.10
CA LEU D 139 -0.87 -8.39 -25.83
C LEU D 139 -0.27 -7.58 -24.68
N LEU D 140 -1.13 -7.15 -23.76
CA LEU D 140 -0.70 -6.33 -22.63
C LEU D 140 -0.94 -7.06 -21.33
N HIS D 141 0.01 -6.96 -20.41
CA HIS D 141 0.00 -7.72 -19.17
C HIS D 141 -0.36 -6.81 -18.02
N ILE D 142 -1.44 -7.14 -17.32
CA ILE D 142 -1.92 -6.31 -16.21
C ILE D 142 -0.99 -6.48 -15.01
N ASN D 143 -0.45 -5.36 -14.51
CA ASN D 143 0.38 -5.41 -13.32
C ASN D 143 -0.44 -5.24 -12.05
N SER D 144 -1.43 -4.36 -12.09
CA SER D 144 -2.20 -4.11 -10.89
C SER D 144 -3.59 -3.61 -11.30
N ILE D 145 -4.56 -3.91 -10.47
CA ILE D 145 -5.92 -3.36 -10.62
C ILE D 145 -6.43 -3.04 -9.21
N GLU D 146 -6.80 -1.78 -8.99
CA GLU D 146 -7.14 -1.34 -7.64
C GLU D 146 -8.33 -0.39 -7.66
N LEU D 147 -9.19 -0.51 -6.65
CA LEU D 147 -10.25 0.48 -6.47
C LEU D 147 -9.67 1.79 -5.95
N GLU D 148 -10.01 2.90 -6.58
CA GLU D 148 -9.45 4.18 -6.17
C GLU D 148 -10.17 4.71 -4.94
N GLU D 149 -9.45 5.54 -4.18
CA GLU D 149 -9.93 5.99 -2.87
C GLU D 149 -10.93 7.14 -2.95
N GLU D 150 -11.06 7.79 -4.10
CA GLU D 150 -11.97 8.92 -4.25
C GLU D 150 -12.75 8.80 -5.54
N PRO D 151 -13.99 9.27 -5.58
CA PRO D 151 -14.78 9.17 -6.80
C PRO D 151 -14.29 10.14 -7.87
N THR D 152 -14.41 9.72 -9.13
CA THR D 152 -14.15 10.59 -10.26
C THR D 152 -15.26 10.43 -11.30
N LYS D 153 -15.32 11.38 -12.23
CA LYS D 153 -16.37 11.41 -13.23
C LYS D 153 -16.11 10.42 -14.35
N TRP D 154 -17.18 9.79 -14.83
CA TRP D 154 -17.10 8.80 -15.89
C TRP D 154 -18.20 9.05 -16.92
N SER D 155 -17.95 8.54 -18.12
CA SER D 155 -18.88 8.62 -19.24
C SER D 155 -18.97 7.24 -19.89
N GLY D 156 -20.19 6.83 -20.25
CA GLY D 156 -20.37 5.56 -20.89
C GLY D 156 -21.34 5.69 -22.05
N PHE D 157 -21.29 4.69 -22.93
CA PHE D 157 -22.22 4.63 -24.04
C PHE D 157 -22.22 3.22 -24.59
N VAL D 158 -23.15 2.97 -25.50
CA VAL D 158 -23.23 1.72 -26.22
C VAL D 158 -22.64 1.93 -27.60
N VAL D 159 -22.06 0.87 -28.15
CA VAL D 159 -21.47 0.87 -29.49
C VAL D 159 -22.07 -0.31 -30.24
N ASP D 160 -22.34 -0.12 -31.54
CA ASP D 160 -22.97 -1.20 -32.32
C ASP D 160 -21.90 -2.18 -32.80
N LYS D 161 -22.28 -3.06 -33.74
CA LYS D 161 -21.41 -4.10 -34.32
C LYS D 161 -20.93 -5.01 -33.19
N ASP D 162 -19.62 -5.22 -33.02
CA ASP D 162 -19.13 -6.13 -31.99
C ASP D 162 -18.91 -5.46 -30.64
N SER D 163 -19.37 -4.21 -30.47
CA SER D 163 -19.26 -3.43 -29.25
C SER D 163 -17.81 -3.05 -28.93
N LEU D 164 -16.90 -3.13 -29.89
CA LEU D 164 -15.49 -2.80 -29.66
C LEU D 164 -15.14 -1.48 -30.34
N TYR D 165 -14.24 -0.73 -29.70
CA TYR D 165 -13.72 0.52 -30.25
C TYR D 165 -12.31 0.72 -29.72
N LEU D 166 -11.61 1.73 -30.22
CA LEU D 166 -10.19 1.86 -29.95
C LEU D 166 -9.91 3.08 -29.08
N ARG D 167 -9.05 2.88 -28.06
CA ARG D 167 -8.39 3.99 -27.39
C ARG D 167 -7.35 4.60 -28.33
N TYR D 168 -6.88 5.80 -27.99
CA TYR D 168 -5.98 6.51 -28.87
C TYR D 168 -4.73 5.71 -29.22
N ASP D 169 -4.28 4.83 -28.32
CA ASP D 169 -3.09 4.02 -28.57
C ASP D 169 -3.43 2.61 -29.05
N TYR D 170 -4.64 2.42 -29.57
CA TYR D 170 -5.14 1.19 -30.18
C TYR D 170 -5.47 0.10 -29.16
N LEU D 171 -5.50 0.42 -27.87
CA LEU D 171 -6.06 -0.52 -26.90
C LEU D 171 -7.52 -0.79 -27.27
N VAL D 172 -7.90 -2.05 -27.32
CA VAL D 172 -9.25 -2.44 -27.73
C VAL D 172 -10.15 -2.41 -26.50
N LEU D 173 -11.21 -1.62 -26.58
CA LEU D 173 -12.15 -1.41 -25.49
C LEU D 173 -13.53 -1.94 -25.87
N HIS D 174 -14.28 -2.35 -24.86
CA HIS D 174 -15.66 -2.77 -24.97
C HIS D 174 -16.54 -1.68 -24.35
N ASN D 175 -17.76 -1.55 -24.85
N ASN D 175 -17.77 -1.53 -24.85
CA ASN D 175 -18.68 -0.57 -24.28
CA ASN D 175 -18.61 -0.42 -24.39
C ASN D 175 -19.22 -1.05 -22.93
C ASN D 175 -19.06 -0.59 -22.93
N CYS E 5 10.66 -23.20 -1.81
CA CYS E 5 9.51 -23.88 -2.40
C CYS E 5 8.60 -22.90 -3.15
N LEU E 6 7.72 -23.42 -3.99
CA LEU E 6 6.94 -22.60 -4.92
C LEU E 6 5.45 -22.72 -4.64
N GLN E 7 4.73 -21.63 -4.92
CA GLN E 7 3.28 -21.67 -4.79
C GLN E 7 2.70 -22.75 -5.69
N ASN E 8 1.73 -23.49 -5.17
CA ASN E 8 1.00 -24.43 -6.00
C ASN E 8 0.41 -23.67 -7.20
N GLY E 9 0.49 -24.28 -8.37
CA GLY E 9 0.09 -23.63 -9.60
C GLY E 9 1.23 -23.05 -10.40
N THR E 10 2.45 -23.05 -9.87
CA THR E 10 3.58 -22.61 -10.67
C THR E 10 3.82 -23.62 -11.79
N ARG E 11 3.90 -23.12 -13.02
CA ARG E 11 4.00 -23.97 -14.20
C ARG E 11 5.46 -24.20 -14.54
N LEU E 12 5.89 -25.45 -14.50
CA LEU E 12 7.27 -25.86 -14.78
C LEU E 12 7.30 -26.67 -16.07
N LEU E 13 8.51 -26.95 -16.54
CA LEU E 13 8.71 -27.75 -17.75
C LEU E 13 9.24 -29.12 -17.37
N ARG E 14 8.56 -30.17 -17.84
CA ARG E 14 9.12 -31.51 -17.81
C ARG E 14 10.30 -31.59 -18.76
N ALA E 15 11.09 -32.66 -18.64
CA ALA E 15 12.28 -32.76 -19.49
C ALA E 15 11.93 -32.76 -20.97
N ASP E 16 10.75 -33.24 -21.34
CA ASP E 16 10.36 -33.32 -22.74
C ASP E 16 9.73 -32.03 -23.26
N GLY E 17 9.64 -30.99 -22.43
CA GLY E 17 9.12 -29.71 -22.86
C GLY E 17 7.66 -29.46 -22.55
N SER E 18 6.91 -30.48 -22.16
CA SER E 18 5.53 -30.27 -21.76
C SER E 18 5.49 -29.65 -20.36
N GLU E 19 4.37 -29.05 -20.02
CA GLU E 19 4.22 -28.35 -18.75
C GLU E 19 3.73 -29.28 -17.65
N VAL E 20 4.15 -28.99 -16.43
CA VAL E 20 3.69 -29.70 -15.24
C VAL E 20 3.56 -28.68 -14.11
N LEU E 21 2.47 -28.73 -13.37
CA LEU E 21 2.34 -27.88 -12.19
C LEU E 21 3.24 -28.40 -11.08
N VAL E 22 3.79 -27.46 -10.30
CA VAL E 22 4.81 -27.83 -9.31
C VAL E 22 4.28 -28.88 -8.35
N GLU E 23 2.99 -28.80 -7.99
CA GLU E 23 2.41 -29.75 -7.07
C GLU E 23 2.13 -31.10 -7.71
N ASP E 24 2.25 -31.21 -9.03
CA ASP E 24 2.09 -32.49 -9.71
C ASP E 24 3.41 -33.22 -9.91
N VAL E 25 4.54 -32.61 -9.51
CA VAL E 25 5.83 -33.27 -9.64
C VAL E 25 5.93 -34.40 -8.63
N GLN E 26 6.35 -35.57 -9.10
CA GLN E 26 6.46 -36.76 -8.28
C GLN E 26 7.93 -37.14 -8.11
N GLU E 27 8.20 -37.99 -7.13
CA GLU E 27 9.55 -38.48 -6.89
C GLU E 27 10.08 -39.12 -8.17
N GLY E 28 11.29 -38.72 -8.56
CA GLY E 28 11.91 -39.25 -9.76
C GLY E 28 11.51 -38.59 -11.06
N ASP E 29 10.52 -37.69 -11.04
CA ASP E 29 10.07 -37.03 -12.27
C ASP E 29 11.23 -36.24 -12.89
N GLN E 30 11.19 -36.11 -14.22
CA GLN E 30 12.24 -35.45 -14.99
C GLN E 30 11.80 -34.06 -15.42
N LEU E 31 12.55 -33.04 -14.99
CA LEU E 31 12.32 -31.66 -15.37
C LEU E 31 13.42 -31.20 -16.33
N LEU E 32 13.24 -29.99 -16.87
CA LEU E 32 14.14 -29.43 -17.86
C LEU E 32 15.10 -28.44 -17.19
N GLY E 33 16.41 -28.66 -17.36
CA GLY E 33 17.41 -27.74 -16.87
C GLY E 33 17.70 -26.60 -17.82
N PRO E 34 18.32 -25.53 -17.31
CA PRO E 34 18.61 -24.36 -18.16
C PRO E 34 19.58 -24.65 -19.29
N ASP E 35 20.41 -25.69 -19.18
CA ASP E 35 21.32 -26.05 -20.24
C ASP E 35 20.71 -27.01 -21.25
N GLY E 36 19.44 -27.35 -21.11
CA GLY E 36 18.79 -28.26 -22.02
C GLY E 36 18.91 -29.72 -21.64
N THR E 37 19.64 -30.06 -20.59
CA THR E 37 19.69 -31.43 -20.11
C THR E 37 18.65 -31.65 -19.02
N SER E 38 18.42 -32.92 -18.71
N SER E 38 18.42 -32.92 -18.71
CA SER E 38 17.38 -33.31 -17.76
CA SER E 38 17.35 -33.27 -17.77
C SER E 38 17.81 -33.01 -16.32
C SER E 38 17.80 -33.02 -16.33
N ARG E 39 16.81 -32.97 -15.45
CA ARG E 39 17.01 -32.87 -14.01
C ARG E 39 16.07 -33.86 -13.36
N THR E 40 16.49 -34.50 -12.28
CA THR E 40 15.63 -35.45 -11.59
C THR E 40 15.13 -34.82 -10.30
N ALA E 41 13.82 -34.89 -10.06
CA ALA E 41 13.20 -34.30 -8.89
C ALA E 41 13.07 -35.33 -7.77
N SER E 42 13.32 -34.92 -6.52
CA SER E 42 13.29 -35.79 -5.35
C SER E 42 13.06 -34.98 -4.05
N LYS E 43 12.90 -35.70 -2.91
CA LYS E 43 12.45 -35.25 -1.54
C LYS E 43 11.22 -34.33 -1.69
N ILE E 44 10.10 -34.88 -2.11
CA ILE E 44 8.91 -34.04 -2.29
C ILE E 44 8.35 -33.58 -0.96
N VAL E 45 8.17 -32.25 -0.80
CA VAL E 45 7.61 -31.65 0.42
C VAL E 45 6.47 -30.70 0.04
N ARG E 46 5.54 -30.50 0.96
CA ARG E 46 4.37 -29.66 0.74
C ARG E 46 4.01 -28.92 2.01
N GLY E 47 3.29 -27.81 1.86
CA GLY E 47 2.89 -27.05 3.03
C GLY E 47 1.95 -25.91 2.66
N GLU E 48 1.69 -25.05 3.64
CA GLU E 48 0.81 -23.91 3.41
C GLU E 48 1.24 -22.77 4.33
N GLU E 49 1.56 -21.62 3.76
CA GLU E 49 1.98 -20.47 4.56
C GLU E 49 1.93 -19.21 3.71
N ARG E 50 2.11 -18.08 4.38
CA ARG E 50 2.16 -16.81 3.67
C ARG E 50 3.44 -16.76 2.86
N LEU E 51 3.30 -16.62 1.55
CA LEU E 51 4.42 -16.63 0.64
C LEU E 51 4.81 -15.21 0.25
N TYR E 52 5.94 -15.12 -0.43
CA TYR E 52 6.43 -13.87 -0.99
C TYR E 52 6.12 -13.81 -2.47
N ARG E 53 5.56 -12.67 -2.91
CA ARG E 53 5.27 -12.41 -4.31
C ARG E 53 6.34 -11.49 -4.89
N ILE E 54 6.95 -11.92 -5.99
CA ILE E 54 7.98 -11.17 -6.70
C ILE E 54 7.41 -10.79 -8.06
N LYS E 55 7.37 -9.49 -8.33
CA LYS E 55 6.90 -8.94 -9.60
C LYS E 55 8.06 -8.24 -10.29
N THR E 56 8.21 -8.50 -11.58
CA THR E 56 9.23 -7.88 -12.42
C THR E 56 8.65 -6.73 -13.23
N HIS E 57 9.54 -5.82 -13.66
CA HIS E 57 9.17 -4.80 -14.63
C HIS E 57 8.63 -5.44 -15.91
N GLU E 58 9.32 -6.46 -16.40
CA GLU E 58 8.95 -7.14 -17.63
C GLU E 58 7.63 -7.90 -17.46
N GLY E 59 6.88 -7.99 -18.56
CA GLY E 59 5.57 -8.62 -18.52
C GLY E 59 5.57 -10.14 -18.46
N LEU E 60 6.12 -10.70 -17.39
CA LEU E 60 6.12 -12.13 -17.14
C LEU E 60 5.37 -12.42 -15.84
N GLU E 61 4.93 -13.66 -15.68
CA GLU E 61 4.15 -14.05 -14.51
C GLU E 61 4.95 -13.81 -13.23
N ASP E 62 4.26 -13.33 -12.19
CA ASP E 62 4.87 -13.19 -10.87
C ASP E 62 5.41 -14.53 -10.37
N LEU E 63 6.46 -14.48 -9.57
CA LEU E 63 7.00 -15.67 -8.92
C LEU E 63 6.62 -15.64 -7.44
N VAL E 64 5.98 -16.69 -6.95
CA VAL E 64 5.45 -16.71 -5.60
C VAL E 64 6.04 -17.92 -4.88
N CYS E 65 6.85 -17.64 -3.85
CA CYS E 65 7.72 -18.66 -3.27
C CYS E 65 7.86 -18.43 -1.76
N THR E 66 8.29 -19.46 -1.06
CA THR E 66 8.52 -19.38 0.39
C THR E 66 9.66 -18.45 0.75
N HIS E 67 9.68 -18.05 2.03
CA HIS E 67 10.67 -17.12 2.55
C HIS E 67 12.08 -17.69 2.50
N ASN E 68 12.22 -19.01 2.57
CA ASN E 68 13.54 -19.64 2.54
C ASN E 68 13.93 -20.11 1.16
N HIS E 69 13.15 -19.77 0.13
CA HIS E 69 13.45 -20.20 -1.23
C HIS E 69 14.67 -19.49 -1.78
N ILE E 70 15.48 -20.24 -2.54
CA ILE E 70 16.71 -19.70 -3.12
C ILE E 70 16.41 -19.14 -4.51
N LEU E 71 16.70 -17.86 -4.71
CA LEU E 71 16.66 -17.27 -6.03
C LEU E 71 18.04 -17.39 -6.66
N SER E 72 18.09 -17.83 -7.91
CA SER E 72 19.33 -17.82 -8.69
C SER E 72 19.31 -16.58 -9.55
N MET E 73 20.33 -15.75 -9.42
CA MET E 73 20.31 -14.40 -9.96
C MET E 73 21.65 -14.09 -10.60
N TYR E 74 21.66 -13.02 -11.38
CA TYR E 74 22.89 -12.39 -11.83
C TYR E 74 23.02 -11.06 -11.11
N LYS E 75 24.20 -10.82 -10.54
CA LYS E 75 24.49 -9.59 -9.83
C LYS E 75 25.52 -8.79 -10.61
N GLU E 76 25.32 -7.47 -10.67
CA GLU E 76 26.21 -6.61 -11.44
C GLU E 76 27.64 -6.71 -10.93
N ARG E 77 28.58 -6.77 -11.85
CA ARG E 77 30.00 -7.05 -11.56
C ARG E 77 30.16 -8.37 -10.82
N GLU E 94 30.60 -10.90 -18.46
CA GLU E 94 31.68 -10.14 -17.83
C GLU E 94 31.13 -8.98 -17.01
N SER E 95 29.85 -8.63 -17.21
CA SER E 95 29.24 -7.56 -16.44
C SER E 95 28.47 -8.06 -15.22
N HIS E 96 28.10 -9.35 -15.20
CA HIS E 96 27.34 -9.91 -14.10
C HIS E 96 27.96 -11.23 -13.70
N GLU E 97 27.72 -11.61 -12.45
CA GLU E 97 28.14 -12.91 -11.94
C GLU E 97 26.94 -13.63 -11.34
N ARG E 98 26.99 -14.95 -11.36
CA ARG E 98 25.93 -15.74 -10.76
C ARG E 98 26.01 -15.69 -9.24
N VAL E 99 24.86 -15.47 -8.60
CA VAL E 99 24.75 -15.50 -7.14
C VAL E 99 23.43 -16.15 -6.79
N ASP E 100 23.42 -16.96 -5.73
CA ASP E 100 22.21 -17.55 -5.19
C ASP E 100 21.91 -16.88 -3.86
N VAL E 101 20.66 -16.49 -3.64
CA VAL E 101 20.28 -15.72 -2.46
C VAL E 101 18.91 -16.18 -1.99
N THR E 102 18.75 -16.42 -0.68
CA THR E 102 17.42 -16.74 -0.20
C THR E 102 16.54 -15.51 -0.25
N VAL E 103 15.22 -15.75 -0.33
CA VAL E 103 14.27 -14.65 -0.30
C VAL E 103 14.42 -13.81 0.96
N ASP E 104 14.63 -14.45 2.12
CA ASP E 104 14.83 -13.70 3.36
C ASP E 104 15.99 -12.72 3.25
N ASP E 105 17.18 -13.24 2.87
CA ASP E 105 18.37 -12.39 2.75
C ASP E 105 18.17 -11.29 1.73
N PHE E 106 17.50 -11.60 0.61
CA PHE E 106 17.28 -10.58 -0.43
C PHE E 106 16.34 -9.49 0.07
N VAL E 107 15.27 -9.89 0.77
CA VAL E 107 14.26 -8.96 1.24
C VAL E 107 14.88 -7.95 2.20
N ARG E 108 15.81 -8.40 3.06
CA ARG E 108 16.38 -7.49 4.03
C ARG E 108 17.42 -6.53 3.44
N LEU E 109 17.85 -6.74 2.19
CA LEU E 109 18.85 -5.88 1.59
C LEU E 109 18.28 -4.48 1.33
N PRO E 110 19.11 -3.45 1.43
CA PRO E 110 18.69 -2.12 0.97
C PRO E 110 18.35 -2.16 -0.51
N GLN E 111 17.35 -1.35 -0.91
CA GLN E 111 16.91 -1.37 -2.30
C GLN E 111 18.05 -0.99 -3.24
N GLN E 112 18.97 -0.13 -2.76
CA GLN E 112 20.13 0.23 -3.58
C GLN E 112 21.02 -0.97 -3.86
N GLU E 113 21.04 -1.96 -2.95
CA GLU E 113 21.72 -3.22 -3.23
C GLU E 113 20.85 -4.16 -4.04
N GLN E 114 19.54 -4.20 -3.75
CA GLN E 114 18.63 -5.10 -4.46
C GLN E 114 18.65 -4.86 -5.97
N GLN E 115 18.71 -3.60 -6.38
CA GLN E 115 18.66 -3.27 -7.80
C GLN E 115 19.79 -3.91 -8.59
N LYS E 116 20.88 -4.30 -7.93
CA LYS E 116 22.01 -4.88 -8.66
C LYS E 116 21.75 -6.32 -9.08
N TYR E 117 20.77 -6.98 -8.47
CA TYR E 117 20.47 -8.39 -8.71
C TYR E 117 19.33 -8.54 -9.69
N LYS E 118 19.46 -9.47 -10.63
CA LYS E 118 18.47 -9.71 -11.66
C LYS E 118 18.14 -11.20 -11.71
N LEU E 119 16.85 -11.52 -11.88
CA LEU E 119 16.47 -12.87 -12.27
C LEU E 119 16.85 -13.08 -13.73
N PHE E 120 16.83 -14.33 -14.19
CA PHE E 120 17.21 -14.53 -15.59
C PHE E 120 16.49 -15.70 -16.19
N ARG E 121 16.37 -15.65 -17.52
CA ARG E 121 15.84 -16.73 -18.34
C ARG E 121 16.98 -17.44 -19.06
N SER E 122 16.72 -18.67 -19.47
CA SER E 122 17.73 -19.48 -20.14
C SER E 122 18.07 -18.90 -21.50
N THR E 123 19.34 -18.62 -21.72
CA THR E 123 19.77 -17.92 -22.93
C THR E 123 19.60 -18.78 -24.18
N ASP E 124 19.62 -20.10 -24.05
CA ASP E 124 19.44 -20.98 -25.20
C ASP E 124 18.01 -21.53 -25.26
N ALA E 137 18.29 -8.64 -23.81
CA ALA E 137 18.92 -9.51 -22.82
C ALA E 137 17.91 -10.45 -22.17
N THR E 138 18.43 -11.45 -21.47
CA THR E 138 17.64 -12.43 -20.75
C THR E 138 17.48 -12.05 -19.28
N LEU E 139 17.99 -10.90 -18.87
CA LEU E 139 17.92 -10.50 -17.47
C LEU E 139 16.59 -9.83 -17.17
N LEU E 140 16.06 -10.13 -15.99
CA LEU E 140 14.76 -9.63 -15.54
C LEU E 140 14.95 -8.79 -14.30
N HIS E 141 14.23 -7.68 -14.24
CA HIS E 141 14.40 -6.67 -13.21
C HIS E 141 13.23 -6.73 -12.25
N ILE E 142 13.53 -6.98 -10.96
CA ILE E 142 12.50 -7.10 -9.93
C ILE E 142 11.96 -5.72 -9.62
N ASN E 143 10.64 -5.55 -9.74
CA ASN E 143 10.04 -4.29 -9.35
C ASN E 143 9.61 -4.28 -7.90
N SER E 144 9.11 -5.41 -7.42
CA SER E 144 8.62 -5.44 -6.04
C SER E 144 8.71 -6.88 -5.53
N ILE E 145 8.91 -7.00 -4.23
CA ILE E 145 8.82 -8.27 -3.51
C ILE E 145 8.10 -8.02 -2.20
N GLU E 146 7.02 -8.75 -1.96
CA GLU E 146 6.17 -8.43 -0.82
C GLU E 146 5.68 -9.71 -0.15
N LEU E 147 5.56 -9.67 1.16
CA LEU E 147 4.92 -10.78 1.88
C LEU E 147 3.42 -10.72 1.64
N GLU E 148 2.84 -11.88 1.29
CA GLU E 148 1.42 -11.90 0.98
C GLU E 148 0.57 -11.92 2.24
N GLU E 149 -0.67 -11.44 2.10
CA GLU E 149 -1.52 -11.20 3.27
C GLU E 149 -2.13 -12.47 3.86
N GLU E 150 -2.19 -13.56 3.09
CA GLU E 150 -2.84 -14.79 3.51
C GLU E 150 -1.99 -15.99 3.08
N PRO E 151 -2.06 -17.09 3.82
CA PRO E 151 -1.28 -18.26 3.44
C PRO E 151 -1.85 -18.93 2.19
N THR E 152 -0.97 -19.53 1.40
CA THR E 152 -1.36 -20.37 0.29
C THR E 152 -0.52 -21.64 0.31
N LYS E 153 -0.97 -22.64 -0.45
CA LYS E 153 -0.30 -23.93 -0.48
C LYS E 153 0.93 -23.86 -1.38
N TRP E 154 1.99 -24.56 -0.96
CA TRP E 154 3.24 -24.61 -1.71
C TRP E 154 3.73 -26.05 -1.78
N SER E 155 4.60 -26.29 -2.78
CA SER E 155 5.22 -27.57 -3.02
C SER E 155 6.70 -27.35 -3.33
N GLY E 156 7.57 -28.21 -2.79
CA GLY E 156 8.99 -28.09 -3.02
C GLY E 156 9.62 -29.45 -3.25
N PHE E 157 10.84 -29.42 -3.80
CA PHE E 157 11.62 -30.63 -4.02
C PHE E 157 13.07 -30.23 -4.24
N VAL E 158 13.93 -31.25 -4.30
CA VAL E 158 15.33 -31.05 -4.66
C VAL E 158 15.55 -31.57 -6.07
N VAL E 159 16.54 -30.99 -6.73
CA VAL E 159 16.90 -31.31 -8.11
C VAL E 159 18.40 -31.61 -8.12
N ASP E 160 18.81 -32.56 -8.96
CA ASP E 160 20.20 -32.96 -9.01
C ASP E 160 20.99 -31.97 -9.88
N LYS E 161 22.22 -32.32 -10.22
CA LYS E 161 23.11 -31.50 -11.07
C LYS E 161 23.33 -30.16 -10.38
N ASP E 162 23.11 -29.02 -11.06
CA ASP E 162 23.35 -27.70 -10.49
C ASP E 162 22.15 -27.14 -9.72
N SER E 163 21.13 -27.96 -9.47
CA SER E 163 19.92 -27.59 -8.74
C SER E 163 19.06 -26.55 -9.47
N LEU E 164 19.28 -26.34 -10.76
CA LEU E 164 18.52 -25.38 -11.54
C LEU E 164 17.53 -26.11 -12.46
N TYR E 165 16.37 -25.50 -12.66
CA TYR E 165 15.35 -26.02 -13.56
C TYR E 165 14.54 -24.84 -14.10
N LEU E 166 13.62 -25.11 -15.02
CA LEU E 166 12.99 -24.07 -15.81
C LEU E 166 11.50 -23.92 -15.51
N ARG E 167 11.06 -22.68 -15.34
CA ARG E 167 9.64 -22.36 -15.42
C ARG E 167 9.19 -22.46 -16.87
N TYR E 168 7.87 -22.50 -17.06
CA TYR E 168 7.35 -22.68 -18.42
C TYR E 168 7.84 -21.60 -19.36
N ASP E 169 8.12 -20.40 -18.86
CA ASP E 169 8.58 -19.29 -19.70
C ASP E 169 10.08 -19.13 -19.68
N TYR E 170 10.80 -20.15 -19.24
CA TYR E 170 12.27 -20.28 -19.24
C TYR E 170 12.95 -19.46 -18.14
N LEU E 171 12.20 -18.91 -17.19
CA LEU E 171 12.83 -18.36 -15.98
C LEU E 171 13.58 -19.45 -15.24
N VAL E 172 14.82 -19.16 -14.84
CA VAL E 172 15.67 -20.15 -14.20
C VAL E 172 15.38 -20.14 -12.70
N LEU E 173 15.01 -21.31 -12.18
CA LEU E 173 14.66 -21.51 -10.78
C LEU E 173 15.68 -22.43 -10.12
N HIS E 174 15.85 -22.24 -8.81
CA HIS E 174 16.67 -23.07 -7.94
C HIS E 174 15.74 -23.88 -7.03
N ASN E 175 16.25 -25.02 -6.57
N ASN E 175 16.27 -24.99 -6.52
CA ASN E 175 15.53 -25.86 -5.60
CA ASN E 175 15.58 -25.85 -5.56
C ASN E 175 15.06 -25.02 -4.43
C ASN E 175 14.69 -25.13 -4.56
N CYS F 5 -20.93 -14.27 3.71
CA CYS F 5 -20.30 -15.41 4.38
C CYS F 5 -19.00 -14.95 5.03
N LEU F 6 -18.47 -15.74 5.96
CA LEU F 6 -17.37 -15.30 6.80
C LEU F 6 -16.15 -16.19 6.60
N GLN F 7 -14.97 -15.61 6.80
CA GLN F 7 -13.75 -16.41 6.74
C GLN F 7 -13.79 -17.52 7.79
N ASN F 8 -13.32 -18.70 7.39
CA ASN F 8 -13.15 -19.80 8.34
C ASN F 8 -12.24 -19.35 9.48
N GLY F 9 -12.59 -19.77 10.70
CA GLY F 9 -11.88 -19.32 11.87
C GLY F 9 -12.55 -18.17 12.60
N THR F 10 -13.60 -17.59 12.02
CA THR F 10 -14.37 -16.57 12.73
C THR F 10 -15.07 -17.23 13.91
N ARG F 11 -14.91 -16.64 15.10
CA ARG F 11 -15.45 -17.22 16.34
C ARG F 11 -16.81 -16.61 16.64
N LEU F 12 -17.84 -17.46 16.69
CA LEU F 12 -19.21 -17.05 16.98
C LEU F 12 -19.64 -17.64 18.33
N LEU F 13 -20.80 -17.21 18.79
CA LEU F 13 -21.38 -17.67 20.05
C LEU F 13 -22.54 -18.61 19.79
N ARG F 14 -22.49 -19.80 20.40
CA ARG F 14 -23.66 -20.64 20.47
C ARG F 14 -24.70 -20.02 21.40
N ALA F 15 -25.93 -20.54 21.32
CA ALA F 15 -27.02 -19.99 22.12
C ALA F 15 -26.74 -20.09 23.61
N ASP F 16 -25.91 -21.04 24.04
CA ASP F 16 -25.58 -21.19 25.44
C ASP F 16 -24.38 -20.35 25.87
N GLY F 17 -23.79 -19.58 24.95
CA GLY F 17 -22.69 -18.71 25.27
C GLY F 17 -21.30 -19.26 24.99
N SER F 18 -21.18 -20.55 24.70
CA SER F 18 -19.88 -21.12 24.33
C SER F 18 -19.55 -20.73 22.89
N GLU F 19 -18.27 -20.84 22.55
CA GLU F 19 -17.78 -20.42 21.24
C GLU F 19 -17.83 -21.57 20.23
N VAL F 20 -18.03 -21.19 18.97
CA VAL F 20 -18.02 -22.13 17.86
C VAL F 20 -17.42 -21.43 16.65
N LEU F 21 -16.52 -22.12 15.95
CA LEU F 21 -16.01 -21.59 14.69
C LEU F 21 -17.08 -21.67 13.62
N VAL F 22 -17.08 -20.67 12.73
CA VAL F 22 -18.15 -20.55 11.73
C VAL F 22 -18.23 -21.80 10.88
N GLU F 23 -17.08 -22.39 10.55
CA GLU F 23 -17.07 -23.57 9.69
C GLU F 23 -17.53 -24.82 10.44
N ASP F 24 -17.68 -24.75 11.76
CA ASP F 24 -18.19 -25.86 12.56
C ASP F 24 -19.69 -25.77 12.80
N VAL F 25 -20.35 -24.71 12.34
CA VAL F 25 -21.79 -24.59 12.51
C VAL F 25 -22.48 -25.57 11.58
N GLN F 26 -23.45 -26.31 12.10
CA GLN F 26 -24.16 -27.32 11.33
C GLN F 26 -25.63 -26.96 11.23
N GLU F 27 -26.32 -27.62 10.30
CA GLU F 27 -27.75 -27.43 10.13
C GLU F 27 -28.49 -27.67 11.44
N GLY F 28 -29.33 -26.70 11.81
CA GLY F 28 -30.10 -26.75 13.03
C GLY F 28 -29.41 -26.20 14.27
N ASP F 29 -28.12 -25.88 14.20
CA ASP F 29 -27.40 -25.37 15.37
C ASP F 29 -28.02 -24.07 15.88
N GLN F 30 -27.92 -23.85 17.18
CA GLN F 30 -28.48 -22.68 17.83
C GLN F 30 -27.36 -21.68 18.11
N LEU F 31 -27.48 -20.49 17.56
CA LEU F 31 -26.55 -19.39 17.79
C LEU F 31 -27.21 -18.35 18.68
N LEU F 32 -26.43 -17.38 19.13
CA LEU F 32 -26.91 -16.36 20.06
C LEU F 32 -27.27 -15.10 19.28
N GLY F 33 -28.50 -14.63 19.45
CA GLY F 33 -28.93 -13.40 18.84
C GLY F 33 -28.52 -12.21 19.70
N PRO F 34 -28.50 -11.01 19.12
CA PRO F 34 -28.06 -9.84 19.88
C PRO F 34 -28.94 -9.51 21.07
N ASP F 35 -30.19 -9.95 21.07
CA ASP F 35 -31.08 -9.74 22.22
C ASP F 35 -30.97 -10.87 23.25
N GLY F 36 -30.10 -11.85 23.04
CA GLY F 36 -29.95 -12.95 23.95
C GLY F 36 -30.83 -14.15 23.68
N THR F 37 -31.72 -14.08 22.69
CA THR F 37 -32.54 -15.22 22.32
C THR F 37 -31.82 -16.06 21.25
N SER F 38 -32.30 -17.28 21.06
CA SER F 38 -31.63 -18.20 20.17
C SER F 38 -31.90 -17.85 18.70
N ARG F 39 -31.03 -18.37 17.83
CA ARG F 39 -31.18 -18.29 16.38
C ARG F 39 -30.86 -19.65 15.79
N THR F 40 -31.56 -20.03 14.72
CA THR F 40 -31.31 -21.29 14.07
C THR F 40 -30.60 -21.05 12.75
N ALA F 41 -29.52 -21.79 12.53
CA ALA F 41 -28.73 -21.70 11.32
C ALA F 41 -29.15 -22.81 10.37
N SER F 42 -29.15 -22.50 9.07
CA SER F 42 -29.52 -23.48 8.06
C SER F 42 -28.80 -23.16 6.76
N LYS F 43 -28.86 -24.11 5.84
CA LYS F 43 -28.23 -24.05 4.52
C LYS F 43 -26.74 -23.70 4.61
N ILE F 44 -25.98 -24.62 5.19
CA ILE F 44 -24.53 -24.48 5.33
C ILE F 44 -23.87 -24.60 3.96
N VAL F 45 -23.09 -23.59 3.58
CA VAL F 45 -22.36 -23.58 2.31
C VAL F 45 -20.91 -23.18 2.59
N ARG F 46 -19.97 -23.80 1.86
CA ARG F 46 -18.56 -23.47 2.01
C ARG F 46 -17.96 -23.15 0.64
N GLY F 47 -16.97 -22.25 0.65
CA GLY F 47 -16.31 -21.90 -0.60
C GLY F 47 -14.93 -21.35 -0.36
N GLU F 48 -14.29 -20.81 -1.40
CA GLU F 48 -12.94 -20.26 -1.24
C GLU F 48 -12.77 -19.14 -2.25
N GLU F 49 -12.45 -17.93 -1.76
CA GLU F 49 -12.26 -16.81 -2.69
C GLU F 49 -11.55 -15.68 -1.98
N ARG F 50 -11.17 -14.67 -2.75
CA ARG F 50 -10.55 -13.50 -2.16
C ARG F 50 -11.59 -12.74 -1.35
N LEU F 51 -11.33 -12.59 -0.05
CA LEU F 51 -12.29 -11.95 0.84
C LEU F 51 -11.89 -10.51 1.11
N TYR F 52 -12.80 -9.78 1.75
CA TYR F 52 -12.57 -8.41 2.19
C TYR F 52 -12.23 -8.41 3.68
N ARG F 53 -11.16 -7.69 4.01
CA ARG F 53 -10.75 -7.49 5.40
C ARG F 53 -11.19 -6.11 5.85
N ILE F 54 -11.92 -6.07 6.96
CA ILE F 54 -12.43 -4.85 7.58
C ILE F 54 -11.72 -4.70 8.91
N LYS F 55 -11.02 -3.57 9.07
CA LYS F 55 -10.32 -3.23 10.30
C LYS F 55 -10.95 -1.99 10.91
N THR F 56 -11.15 -2.01 12.22
CA THR F 56 -11.70 -0.91 12.98
C THR F 56 -10.61 -0.13 13.70
N HIS F 57 -10.91 1.13 14.00
CA HIS F 57 -10.05 1.91 14.88
C HIS F 57 -9.89 1.21 16.21
N GLU F 58 -11.00 0.74 16.77
CA GLU F 58 -11.02 0.08 18.06
C GLU F 58 -10.25 -1.24 17.98
N GLY F 59 -9.62 -1.60 19.09
CA GLY F 59 -8.80 -2.80 19.11
C GLY F 59 -9.57 -4.09 19.19
N LEU F 60 -10.39 -4.35 18.18
CA LEU F 60 -11.14 -5.59 18.08
C LEU F 60 -10.69 -6.35 16.85
N GLU F 61 -10.99 -7.65 16.83
CA GLU F 61 -10.54 -8.51 15.74
C GLU F 61 -11.09 -8.05 14.41
N ASP F 62 -10.26 -8.12 13.37
CA ASP F 62 -10.72 -7.83 12.01
C ASP F 62 -11.87 -8.74 11.63
N LEU F 63 -12.75 -8.21 10.79
CA LEU F 63 -13.84 -8.99 10.21
C LEU F 63 -13.49 -9.29 8.75
N VAL F 64 -13.52 -10.57 8.37
CA VAL F 64 -13.12 -10.99 7.03
C VAL F 64 -14.27 -11.75 6.38
N CYS F 65 -14.83 -11.21 5.30
CA CYS F 65 -16.06 -11.77 4.74
C CYS F 65 -16.10 -11.59 3.22
N THR F 66 -16.99 -12.32 2.58
CA THR F 66 -17.18 -12.22 1.14
C THR F 66 -17.73 -10.86 0.70
N HIS F 67 -17.59 -10.60 -0.61
CA HIS F 67 -18.02 -9.33 -1.21
C HIS F 67 -19.54 -9.15 -1.12
N ASN F 68 -20.30 -10.23 -1.06
CA ASN F 68 -21.74 -10.11 -1.01
C ASN F 68 -22.27 -10.18 0.43
N HIS F 69 -21.38 -10.18 1.41
CA HIS F 69 -21.83 -10.28 2.79
C HIS F 69 -22.56 -9.01 3.21
N ILE F 70 -23.63 -9.17 3.98
CA ILE F 70 -24.40 -8.03 4.46
C ILE F 70 -23.86 -7.62 5.82
N LEU F 71 -23.41 -6.37 5.91
CA LEU F 71 -23.03 -5.76 7.17
C LEU F 71 -24.26 -5.10 7.78
N SER F 72 -24.50 -5.35 9.06
CA SER F 72 -25.54 -4.67 9.80
C SER F 72 -24.90 -3.53 10.56
N MET F 73 -25.37 -2.31 10.32
CA MET F 73 -24.67 -1.10 10.74
C MET F 73 -25.67 -0.10 11.31
N TYR F 74 -25.11 0.89 12.00
CA TYR F 74 -25.82 2.11 12.38
C TYR F 74 -25.27 3.26 11.55
N LYS F 75 -26.17 4.04 10.97
CA LYS F 75 -25.83 5.21 10.17
C LYS F 75 -26.30 6.47 10.90
N GLU F 76 -25.46 7.50 10.90
CA GLU F 76 -25.77 8.72 11.63
C GLU F 76 -27.07 9.33 11.11
N ARG F 77 -27.83 9.92 12.03
CA ARG F 77 -29.17 10.49 11.79
C ARG F 77 -30.19 9.41 11.46
N GLU F 94 -32.13 7.24 17.77
CA GLU F 94 -31.59 8.32 18.61
C GLU F 94 -30.78 9.30 17.75
N SER F 95 -29.46 9.07 17.72
CA SER F 95 -28.57 9.73 16.77
C SER F 95 -28.31 8.89 15.52
N HIS F 96 -28.60 7.59 15.57
CA HIS F 96 -28.32 6.68 14.48
C HIS F 96 -29.54 5.84 14.16
N GLU F 97 -29.57 5.31 12.94
CA GLU F 97 -30.60 4.36 12.54
C GLU F 97 -29.95 3.10 11.99
N ARG F 98 -30.68 1.99 12.12
CA ARG F 98 -30.21 0.70 11.62
C ARG F 98 -30.30 0.63 10.10
N VAL F 99 -29.23 0.18 9.46
CA VAL F 99 -29.21 -0.04 8.02
C VAL F 99 -28.33 -1.26 7.73
N ASP F 100 -28.76 -2.06 6.77
CA ASP F 100 -28.00 -3.21 6.27
C ASP F 100 -27.45 -2.89 4.90
N VAL F 101 -26.17 -3.23 4.66
CA VAL F 101 -25.54 -2.89 3.38
C VAL F 101 -24.56 -3.99 3.01
N THR F 102 -24.57 -4.40 1.74
CA THR F 102 -23.59 -5.38 1.31
C THR F 102 -22.20 -4.77 1.27
N VAL F 103 -21.19 -5.64 1.39
CA VAL F 103 -19.82 -5.17 1.32
C VAL F 103 -19.54 -4.48 -0.02
N ASP F 104 -20.06 -5.02 -1.12
CA ASP F 104 -19.86 -4.41 -2.43
C ASP F 104 -20.35 -2.96 -2.45
N ASP F 105 -21.62 -2.77 -2.07
CA ASP F 105 -22.20 -1.43 -2.06
C ASP F 105 -21.42 -0.52 -1.12
N PHE F 106 -20.99 -1.04 0.03
CA PHE F 106 -20.27 -0.20 1.00
C PHE F 106 -18.89 0.21 0.49
N VAL F 107 -18.13 -0.73 -0.09
CA VAL F 107 -16.79 -0.40 -0.57
C VAL F 107 -16.88 0.63 -1.68
N ARG F 108 -17.95 0.58 -2.48
CA ARG F 108 -18.03 1.55 -3.57
C ARG F 108 -18.45 2.95 -3.11
N LEU F 109 -18.89 3.12 -1.86
CA LEU F 109 -19.28 4.44 -1.37
C LEU F 109 -18.05 5.33 -1.19
N PRO F 110 -18.20 6.64 -1.41
CA PRO F 110 -17.11 7.56 -1.04
C PRO F 110 -16.86 7.50 0.46
N GLN F 111 -15.59 7.66 0.83
CA GLN F 111 -15.23 7.54 2.24
C GLN F 111 -16.01 8.54 3.10
N GLN F 112 -16.34 9.71 2.53
CA GLN F 112 -17.15 10.68 3.26
C GLN F 112 -18.53 10.13 3.60
N GLU F 113 -19.06 9.22 2.76
CA GLU F 113 -20.29 8.54 3.13
C GLU F 113 -20.01 7.34 4.04
N GLN F 114 -18.94 6.60 3.77
CA GLN F 114 -18.62 5.42 4.58
C GLN F 114 -18.46 5.78 6.05
N GLN F 115 -17.86 6.93 6.34
CA GLN F 115 -17.59 7.31 7.73
C GLN F 115 -18.86 7.45 8.56
N LYS F 116 -20.01 7.68 7.92
CA LYS F 116 -21.27 7.83 8.65
C LYS F 116 -21.83 6.49 9.13
N TYR F 117 -21.33 5.38 8.64
CA TYR F 117 -21.80 4.05 9.00
C TYR F 117 -20.87 3.42 10.04
N LYS F 118 -21.45 2.77 11.04
CA LYS F 118 -20.69 2.14 12.11
C LYS F 118 -21.15 0.71 12.31
N LEU F 119 -20.20 -0.19 12.55
CA LEU F 119 -20.54 -1.49 13.07
C LEU F 119 -20.93 -1.35 14.55
N PHE F 120 -21.51 -2.40 15.12
CA PHE F 120 -21.91 -2.26 16.51
C PHE F 120 -21.90 -3.60 17.22
N ARG F 121 -21.71 -3.54 18.53
CA ARG F 121 -21.82 -4.68 19.41
C ARG F 121 -23.13 -4.60 20.18
N SER F 122 -23.63 -5.76 20.61
CA SER F 122 -24.88 -5.80 21.36
C SER F 122 -24.66 -5.21 22.75
N THR F 123 -25.49 -4.23 23.13
CA THR F 123 -25.28 -3.54 24.39
C THR F 123 -25.57 -4.43 25.59
N ASP F 124 -24.97 -5.62 25.62
CA ASP F 124 -25.11 -6.55 26.74
C ASP F 124 -23.81 -7.33 26.94
N ALA F 137 -19.26 2.79 24.74
CA ALA F 137 -19.68 2.92 23.35
C ALA F 137 -19.66 1.58 22.63
N THR F 138 -20.81 1.21 22.08
CA THR F 138 -20.94 -0.05 21.34
C THR F 138 -20.78 0.13 19.84
N LEU F 139 -20.56 1.36 19.37
CA LEU F 139 -20.38 1.60 17.94
C LEU F 139 -18.90 1.47 17.60
N LEU F 140 -18.62 0.85 16.47
CA LEU F 140 -17.26 0.62 16.01
C LEU F 140 -17.03 1.37 14.71
N HIS F 141 -15.86 1.98 14.59
CA HIS F 141 -15.50 2.86 13.49
C HIS F 141 -14.54 2.14 12.57
N ILE F 142 -14.96 1.96 11.31
CA ILE F 142 -14.17 1.23 10.34
C ILE F 142 -12.99 2.10 9.90
N ASN F 143 -11.77 1.56 10.06
CA ASN F 143 -10.61 2.28 9.57
C ASN F 143 -10.26 1.91 8.14
N SER F 144 -10.41 0.65 7.77
CA SER F 144 -10.02 0.26 6.42
C SER F 144 -10.87 -0.92 6.00
N ILE F 145 -11.12 -1.01 4.71
CA ILE F 145 -11.75 -2.19 4.12
C ILE F 145 -11.04 -2.47 2.78
N GLU F 146 -10.48 -3.66 2.64
CA GLU F 146 -9.66 -3.95 1.48
C GLU F 146 -9.89 -5.37 0.98
N LEU F 147 -9.86 -5.55 -0.34
CA LEU F 147 -9.88 -6.88 -0.93
C LEU F 147 -8.52 -7.55 -0.76
N GLU F 148 -8.54 -8.79 -0.25
CA GLU F 148 -7.28 -9.48 -0.02
C GLU F 148 -6.72 -10.06 -1.31
N GLU F 149 -5.39 -10.23 -1.33
CA GLU F 149 -4.67 -10.60 -2.55
C GLU F 149 -4.69 -12.10 -2.84
N GLU F 150 -5.11 -12.93 -1.89
CA GLU F 150 -5.14 -14.38 -2.08
C GLU F 150 -6.47 -14.92 -1.56
N PRO F 151 -7.00 -15.98 -2.16
CA PRO F 151 -8.28 -16.52 -1.70
C PRO F 151 -8.11 -17.27 -0.38
N THR F 152 -9.15 -17.22 0.44
CA THR F 152 -9.22 -18.04 1.63
C THR F 152 -10.60 -18.68 1.73
N LYS F 153 -10.70 -19.71 2.59
CA LYS F 153 -11.93 -20.46 2.73
C LYS F 153 -12.94 -19.70 3.57
N TRP F 154 -14.21 -19.83 3.19
CA TRP F 154 -15.31 -19.18 3.89
C TRP F 154 -16.45 -20.16 4.09
N SER F 155 -17.31 -19.84 5.06
CA SER F 155 -18.48 -20.62 5.42
C SER F 155 -19.66 -19.66 5.60
N GLY F 156 -20.81 -20.03 5.07
CA GLY F 156 -21.99 -19.20 5.19
C GLY F 156 -23.20 -20.05 5.53
N PHE F 157 -24.22 -19.36 6.02
CA PHE F 157 -25.50 -19.98 6.34
C PHE F 157 -26.54 -18.87 6.47
N VAL F 158 -27.79 -19.27 6.60
CA VAL F 158 -28.88 -18.34 6.89
C VAL F 158 -29.29 -18.53 8.33
N VAL F 159 -29.83 -17.47 8.90
CA VAL F 159 -30.26 -17.44 10.29
C VAL F 159 -31.69 -16.93 10.33
N ASP F 160 -32.50 -17.48 11.23
CA ASP F 160 -33.91 -17.11 11.30
C ASP F 160 -34.09 -15.80 12.10
N LYS F 161 -35.34 -15.47 12.42
CA LYS F 161 -35.70 -14.26 13.19
C LYS F 161 -35.19 -13.05 12.42
N ASP F 162 -34.41 -12.16 13.03
CA ASP F 162 -33.94 -10.95 12.34
C ASP F 162 -32.65 -11.18 11.56
N SER F 163 -32.21 -12.44 11.44
CA SER F 163 -31.00 -12.84 10.70
C SER F 163 -29.71 -12.32 11.34
N LEU F 164 -29.77 -11.91 12.60
CA LEU F 164 -28.62 -11.38 13.33
C LEU F 164 -28.13 -12.40 14.36
N TYR F 165 -26.81 -12.42 14.55
CA TYR F 165 -26.17 -13.30 15.53
C TYR F 165 -24.89 -12.62 16.01
N LEU F 166 -24.22 -13.24 16.99
CA LEU F 166 -23.12 -12.59 17.70
C LEU F 166 -21.79 -13.24 17.39
N ARG F 167 -20.79 -12.41 17.12
CA ARG F 167 -19.40 -12.84 17.18
C ARG F 167 -19.02 -13.03 18.65
N TYR F 168 -17.89 -13.72 18.89
CA TYR F 168 -17.49 -14.03 20.25
C TYR F 168 -17.34 -12.77 21.09
N ASP F 169 -17.04 -11.63 20.47
CA ASP F 169 -16.86 -10.37 21.19
C ASP F 169 -18.11 -9.50 21.13
N TYR F 170 -19.26 -10.08 20.80
CA TYR F 170 -20.58 -9.45 20.76
C TYR F 170 -20.77 -8.50 19.59
N LEU F 171 -19.85 -8.49 18.63
CA LEU F 171 -20.10 -7.79 17.37
C LEU F 171 -21.32 -8.40 16.70
N VAL F 172 -22.23 -7.54 16.23
CA VAL F 172 -23.48 -8.02 15.63
C VAL F 172 -23.26 -8.30 14.16
N LEU F 173 -23.53 -9.54 13.75
CA LEU F 173 -23.36 -10.00 12.39
C LEU F 173 -24.72 -10.36 11.79
N HIS F 174 -24.80 -10.21 10.47
CA HIS F 174 -25.93 -10.60 9.64
C HIS F 174 -25.50 -11.83 8.84
N ASN F 175 -26.45 -12.70 8.51
N ASN F 175 -26.44 -12.72 8.54
CA ASN F 175 -26.11 -13.90 7.75
CA ASN F 175 -26.05 -13.99 7.92
C ASN F 175 -25.74 -13.56 6.31
C ASN F 175 -25.58 -13.81 6.47
#